data_3LBF
#
_entry.id   3LBF
#
_cell.length_a   52.300
_cell.length_b   55.060
_cell.length_c   67.490
_cell.angle_alpha   74.00
_cell.angle_beta   74.70
_cell.angle_gamma   85.57
#
_symmetry.space_group_name_H-M   'P 1'
#
loop_
_entity.id
_entity.type
_entity.pdbx_description
1 polymer 'Protein-L-isoaspartate O-methyltransferase'
2 non-polymer S-ADENOSYL-L-HOMOCYSTEINE
3 non-polymer 'PHOSPHATE ION'
4 non-polymer GLYCEROL
5 water water
#
_entity_poly.entity_id   1
_entity_poly.type   'polypeptide(L)'
_entity_poly.pdbx_seq_one_letter_code
;SLMVSRRVQALLDQLRAQGIQDEQVLNALAAVPREKFVDEAFEQKAWDNIALPIGQGQTISQPYMVARMTELLELTPQSR
VLEIGTGSGYQTAILAHLVQHVCSVERIKGLQWQARRRLKNLDLHNVSTRHGDGWQGWQARAPFDAIIVTAAPPEIPTAL
MTQLDEGGILVLPVGEEHQYLKRVRRRGGEFIIDTVEAVRFVPLVKGELA
;
_entity_poly.pdbx_strand_id   A,B,C,D
#
# COMPACT_ATOMS: atom_id res chain seq x y z
N VAL A 4 42.83 17.63 -25.87
CA VAL A 4 42.45 16.51 -24.96
C VAL A 4 42.76 15.17 -25.63
N SER A 5 43.41 14.27 -24.89
CA SER A 5 43.90 13.00 -25.43
C SER A 5 42.79 12.09 -25.95
N ARG A 6 43.17 11.17 -26.84
CA ARG A 6 42.23 10.17 -27.36
C ARG A 6 41.46 9.43 -26.25
N ARG A 7 42.17 8.95 -25.24
CA ARG A 7 41.56 8.18 -24.15
C ARG A 7 40.59 9.03 -23.35
N VAL A 8 40.94 10.30 -23.17
CA VAL A 8 40.06 11.24 -22.48
C VAL A 8 38.78 11.49 -23.29
N GLN A 9 38.92 11.74 -24.60
CA GLN A 9 37.72 12.02 -25.40
C GLN A 9 36.86 10.77 -25.55
N ALA A 10 37.49 9.60 -25.55
CA ALA A 10 36.77 8.30 -25.52
C ALA A 10 35.89 8.16 -24.27
N LEU A 11 36.45 8.50 -23.10
CA LEU A 11 35.68 8.47 -21.86
C LEU A 11 34.50 9.45 -21.90
N LEU A 12 34.77 10.69 -22.30
CA LEU A 12 33.72 11.73 -22.37
C LEU A 12 32.58 11.32 -23.29
N ASP A 13 32.93 10.81 -24.46
CA ASP A 13 31.95 10.34 -25.44
C ASP A 13 31.10 9.21 -24.88
N GLN A 14 31.75 8.24 -24.22
CA GLN A 14 31.04 7.18 -23.49
C GLN A 14 30.05 7.71 -22.44
N LEU A 15 30.50 8.67 -21.63
CA LEU A 15 29.65 9.28 -20.63
C LEU A 15 28.45 9.99 -21.25
N ARG A 16 28.67 10.71 -22.36
CA ARG A 16 27.58 11.38 -23.05
C ARG A 16 26.59 10.36 -23.57
N ALA A 17 27.10 9.27 -24.12
CA ALA A 17 26.23 8.20 -24.68
C ALA A 17 25.43 7.58 -23.55
N GLN A 18 25.98 7.63 -22.33
CA GLN A 18 25.31 7.10 -21.16
C GLN A 18 24.36 8.11 -20.49
N GLY A 19 24.18 9.27 -21.10
CA GLY A 19 23.16 10.20 -20.65
C GLY A 19 23.63 11.39 -19.84
N ILE A 20 24.93 11.49 -19.59
CA ILE A 20 25.45 12.68 -18.89
C ILE A 20 25.31 13.91 -19.78
N GLN A 21 24.61 14.93 -19.29
CA GLN A 21 24.27 16.13 -20.07
C GLN A 21 24.95 17.41 -19.62
N ASP A 22 25.41 17.42 -18.38
CA ASP A 22 26.00 18.63 -17.82
C ASP A 22 27.43 18.76 -18.35
N GLU A 23 27.61 19.67 -19.31
CA GLU A 23 28.92 19.85 -19.93
C GLU A 23 29.95 20.43 -18.97
N GLN A 24 29.48 21.13 -17.94
CA GLN A 24 30.40 21.63 -16.90
C GLN A 24 31.01 20.45 -16.15
N VAL A 25 30.17 19.47 -15.84
CA VAL A 25 30.65 18.28 -15.15
C VAL A 25 31.65 17.53 -16.03
N LEU A 26 31.29 17.34 -17.29
CA LEU A 26 32.18 16.70 -18.25
C LEU A 26 33.53 17.45 -18.39
N ASN A 27 33.45 18.77 -18.48
CA ASN A 27 34.66 19.61 -18.53
C ASN A 27 35.55 19.44 -17.31
N ALA A 28 34.94 19.36 -16.13
CA ALA A 28 35.69 19.08 -14.91
C ALA A 28 36.32 17.68 -14.99
N LEU A 29 35.56 16.70 -15.48
CA LEU A 29 36.09 15.35 -15.67
C LEU A 29 37.31 15.36 -16.57
N ALA A 30 37.24 16.14 -17.64
CA ALA A 30 38.35 16.25 -18.59
C ALA A 30 39.58 16.91 -17.97
N ALA A 31 39.35 17.79 -17.00
CA ALA A 31 40.44 18.61 -16.43
C ALA A 31 41.18 17.97 -15.25
N VAL A 32 40.67 16.85 -14.76
CA VAL A 32 41.28 16.16 -13.64
C VAL A 32 42.02 14.93 -14.15
N PRO A 33 43.36 14.90 -13.98
CA PRO A 33 44.19 13.77 -14.44
C PRO A 33 43.93 12.53 -13.58
N ARG A 34 42.98 11.71 -14.02
CA ARG A 34 42.55 10.56 -13.25
C ARG A 34 43.69 9.61 -12.92
N GLU A 35 44.66 9.51 -13.83
CA GLU A 35 45.81 8.62 -13.65
C GLU A 35 46.63 8.96 -12.40
N LYS A 36 46.64 10.24 -12.03
CA LYS A 36 47.30 10.70 -10.80
C LYS A 36 46.67 10.09 -9.52
N PHE A 37 45.45 9.58 -9.65
CA PHE A 37 44.70 9.09 -8.50
C PHE A 37 44.72 7.57 -8.29
N VAL A 38 45.33 6.85 -9.24
CA VAL A 38 45.51 5.40 -9.10
C VAL A 38 47.00 5.06 -9.20
N ASP A 39 47.37 3.89 -8.67
CA ASP A 39 48.77 3.42 -8.73
C ASP A 39 49.26 3.36 -10.17
N GLU A 40 50.57 3.55 -10.34
CA GLU A 40 51.21 3.51 -11.66
C GLU A 40 50.89 2.21 -12.40
N ALA A 41 50.74 1.12 -11.65
CA ALA A 41 50.32 -0.17 -12.22
C ALA A 41 49.00 -0.08 -13.02
N PHE A 42 48.11 0.84 -12.65
CA PHE A 42 46.83 0.99 -13.35
C PHE A 42 46.82 2.15 -14.35
N GLU A 43 48.00 2.62 -14.73
CA GLU A 43 48.12 3.75 -15.67
C GLU A 43 47.34 3.55 -16.97
N GLN A 44 47.49 2.38 -17.59
CA GLN A 44 46.85 2.07 -18.88
C GLN A 44 45.31 2.08 -18.83
N LYS A 45 44.76 1.77 -17.67
CA LYS A 45 43.30 1.64 -17.50
C LYS A 45 42.69 2.80 -16.71
N ALA A 46 43.51 3.81 -16.41
CA ALA A 46 43.09 4.94 -15.61
C ALA A 46 41.92 5.74 -16.22
N TRP A 47 41.69 5.57 -17.52
CA TRP A 47 40.61 6.30 -18.19
C TRP A 47 39.51 5.37 -18.72
N ASP A 48 39.57 4.11 -18.33
CA ASP A 48 38.48 3.17 -18.61
C ASP A 48 37.32 3.51 -17.68
N ASN A 49 36.10 3.30 -18.16
CA ASN A 49 34.89 3.60 -17.39
C ASN A 49 34.59 2.48 -16.38
N ILE A 50 35.49 2.33 -15.42
CA ILE A 50 35.45 1.25 -14.44
C ILE A 50 35.93 1.77 -13.10
N ALA A 51 35.63 1.03 -12.04
CA ALA A 51 36.19 1.29 -10.72
C ALA A 51 37.58 0.66 -10.69
N LEU A 52 38.47 1.23 -9.88
CA LEU A 52 39.82 0.67 -9.71
C LEU A 52 40.19 0.66 -8.24
N PRO A 53 41.04 -0.31 -7.83
CA PRO A 53 41.52 -0.38 -6.45
C PRO A 53 42.39 0.83 -6.12
N ILE A 54 42.20 1.37 -4.93
CA ILE A 54 43.02 2.44 -4.42
C ILE A 54 43.61 1.94 -3.15
N GLY A 55 44.01 2.82 -2.27
CA GLY A 55 44.78 2.35 -1.19
C GLY A 55 44.30 1.34 -0.17
N GLN A 56 43.10 1.31 0.36
CA GLN A 56 42.98 0.30 1.42
C GLN A 56 41.75 -0.56 1.41
N GLY A 57 41.64 -1.38 0.42
CA GLY A 57 40.46 -2.19 0.32
C GLY A 57 39.35 -1.33 -0.27
N GLN A 58 39.71 -0.13 -0.64
CA GLN A 58 38.76 0.84 -1.15
C GLN A 58 38.91 0.98 -2.65
N THR A 59 37.98 1.68 -3.28
CA THR A 59 38.06 1.85 -4.74
C THR A 59 37.77 3.29 -5.16
N ILE A 60 38.42 3.72 -6.24
CA ILE A 60 38.03 4.95 -6.93
C ILE A 60 36.78 4.59 -7.76
N SER A 61 35.76 5.44 -7.74
CA SER A 61 34.46 5.13 -8.39
CA SER A 61 34.49 5.06 -8.39
C SER A 61 34.55 5.16 -9.91
N GLN A 62 33.61 4.49 -10.57
CA GLN A 62 33.48 4.53 -12.01
C GLN A 62 33.20 5.97 -12.45
N PRO A 63 33.87 6.46 -13.50
CA PRO A 63 33.65 7.83 -13.98
C PRO A 63 32.18 8.14 -14.28
N TYR A 64 31.42 7.20 -14.86
CA TYR A 64 30.00 7.46 -15.04
C TYR A 64 29.28 7.80 -13.73
N MET A 65 29.55 7.01 -12.70
CA MET A 65 28.89 7.19 -11.40
C MET A 65 29.30 8.53 -10.81
N VAL A 66 30.58 8.87 -10.93
CA VAL A 66 31.05 10.20 -10.53
C VAL A 66 30.30 11.32 -11.26
N ALA A 67 30.14 11.19 -12.58
CA ALA A 67 29.48 12.23 -13.35
C ALA A 67 28.02 12.31 -12.95
N ARG A 68 27.40 11.15 -12.78
CA ARG A 68 25.96 11.09 -12.50
C ARG A 68 25.64 11.73 -11.15
N MET A 69 26.38 11.29 -10.13
CA MET A 69 26.18 11.82 -8.79
C MET A 69 26.46 13.31 -8.75
N THR A 70 27.51 13.74 -9.46
CA THR A 70 27.88 15.16 -9.50
C THR A 70 26.80 16.00 -10.18
N GLU A 71 26.21 15.48 -11.27
CA GLU A 71 25.08 16.13 -11.91
C GLU A 71 23.90 16.33 -10.98
N LEU A 72 23.62 15.30 -10.17
CA LEU A 72 22.44 15.29 -9.33
C LEU A 72 22.51 16.36 -8.25
N LEU A 73 23.72 16.74 -7.88
CA LEU A 73 23.93 17.81 -6.92
C LEU A 73 23.60 19.22 -7.44
N GLU A 74 23.42 19.38 -8.75
CA GLU A 74 23.08 20.68 -9.36
C GLU A 74 23.98 21.81 -8.86
N LEU A 75 25.27 21.62 -9.00
CA LEU A 75 26.27 22.55 -8.50
C LEU A 75 26.36 23.84 -9.31
N THR A 76 26.73 24.92 -8.61
CA THR A 76 27.04 26.18 -9.24
C THR A 76 28.34 26.64 -8.60
N PRO A 77 28.97 27.67 -9.18
CA PRO A 77 30.23 28.18 -8.61
C PRO A 77 30.08 28.70 -7.20
N GLN A 78 28.86 29.01 -6.77
CA GLN A 78 28.61 29.50 -5.41
C GLN A 78 28.41 28.41 -4.36
N SER A 79 28.24 27.17 -4.81
CA SER A 79 27.91 26.07 -3.91
C SER A 79 28.96 25.80 -2.82
N ARG A 80 28.48 25.60 -1.59
CA ARG A 80 29.33 25.05 -0.56
CA ARG A 80 29.30 25.06 -0.51
C ARG A 80 29.00 23.58 -0.43
N VAL A 81 30.02 22.75 -0.67
CA VAL A 81 29.81 21.31 -0.75
C VAL A 81 30.48 20.53 0.35
N LEU A 82 29.79 19.49 0.81
CA LEU A 82 30.32 18.52 1.73
C LEU A 82 30.39 17.20 1.01
N GLU A 83 31.58 16.61 1.02
CA GLU A 83 31.80 15.28 0.46
C GLU A 83 32.15 14.28 1.54
N ILE A 84 31.51 13.11 1.48
CA ILE A 84 31.85 12.04 2.41
C ILE A 84 32.56 10.91 1.68
N GLY A 85 33.80 10.63 2.09
CA GLY A 85 34.57 9.51 1.56
C GLY A 85 35.58 9.97 0.54
N THR A 86 36.52 10.80 0.99
CA THR A 86 37.52 11.36 0.12
C THR A 86 38.21 10.33 -0.79
N GLY A 87 38.59 9.18 -0.21
CA GLY A 87 39.29 8.14 -0.96
C GLY A 87 40.60 8.64 -1.57
N SER A 88 40.72 8.47 -2.88
CA SER A 88 41.87 8.98 -3.63
C SER A 88 41.87 10.49 -3.74
N GLY A 89 40.71 11.11 -3.53
CA GLY A 89 40.54 12.54 -3.75
C GLY A 89 40.03 12.85 -5.16
N TYR A 90 39.75 11.82 -5.93
CA TYR A 90 39.35 12.00 -7.33
C TYR A 90 38.06 12.80 -7.48
N GLN A 91 36.99 12.35 -6.80
CA GLN A 91 35.72 13.08 -6.87
C GLN A 91 35.87 14.46 -6.23
N THR A 92 36.72 14.55 -5.20
CA THR A 92 36.99 15.82 -4.56
C THR A 92 37.53 16.83 -5.56
N ALA A 93 38.50 16.39 -6.36
CA ALA A 93 39.11 17.23 -7.37
C ALA A 93 38.09 17.71 -8.40
N ILE A 94 37.22 16.81 -8.82
CA ILE A 94 36.14 17.21 -9.72
C ILE A 94 35.27 18.31 -9.13
N LEU A 95 34.81 18.13 -7.89
CA LEU A 95 33.97 19.11 -7.23
C LEU A 95 34.71 20.44 -7.11
N ALA A 96 36.02 20.39 -6.84
CA ALA A 96 36.81 21.60 -6.65
C ALA A 96 36.87 22.46 -7.89
N HIS A 97 36.80 21.81 -9.06
CA HIS A 97 36.72 22.55 -10.33
C HIS A 97 35.38 23.23 -10.52
N LEU A 98 34.35 22.79 -9.81
CA LEU A 98 33.00 23.27 -10.04
C LEU A 98 32.46 24.29 -9.05
N VAL A 99 33.03 24.36 -7.85
CA VAL A 99 32.39 25.12 -6.79
C VAL A 99 33.39 25.95 -6.03
N GLN A 100 32.88 26.89 -5.22
CA GLN A 100 33.77 27.79 -4.49
C GLN A 100 34.49 27.09 -3.35
N HIS A 101 33.83 26.15 -2.68
CA HIS A 101 34.48 25.38 -1.62
C HIS A 101 33.98 23.97 -1.40
N VAL A 102 34.92 23.04 -1.20
CA VAL A 102 34.58 21.66 -0.88
C VAL A 102 35.19 21.28 0.45
N CYS A 103 34.36 20.76 1.35
CA CYS A 103 34.83 20.10 2.54
C CYS A 103 34.68 18.60 2.34
N SER A 104 35.70 17.84 2.72
CA SER A 104 35.71 16.40 2.46
C SER A 104 36.20 15.61 3.66
N VAL A 105 35.50 14.53 3.95
CA VAL A 105 35.75 13.74 5.15
C VAL A 105 36.10 12.32 4.73
N GLU A 106 37.20 11.81 5.27
CA GLU A 106 37.60 10.42 5.00
C GLU A 106 37.98 9.73 6.32
N ARG A 107 37.48 8.50 6.54
CA ARG A 107 37.71 7.82 7.83
C ARG A 107 39.08 7.09 7.96
N ILE A 108 39.68 6.78 6.81
CA ILE A 108 40.99 6.13 6.77
C ILE A 108 42.10 7.18 6.64
N LYS A 109 42.85 7.37 7.72
CA LYS A 109 43.85 8.45 7.77
C LYS A 109 44.80 8.42 6.58
N GLY A 110 45.30 7.22 6.26
CA GLY A 110 46.23 7.04 5.14
C GLY A 110 45.73 7.59 3.82
N LEU A 111 44.46 7.36 3.52
CA LEU A 111 43.84 7.90 2.31
C LEU A 111 43.64 9.41 2.36
N GLN A 112 43.16 9.92 3.49
CA GLN A 112 42.89 11.34 3.66
C GLN A 112 44.18 12.11 3.42
N TRP A 113 45.25 11.59 4.01
CA TRP A 113 46.55 12.23 3.95
C TRP A 113 47.10 12.28 2.52
N GLN A 114 47.06 11.15 1.81
CA GLN A 114 47.50 11.10 0.42
C GLN A 114 46.63 11.99 -0.48
N ALA A 115 45.31 11.97 -0.25
CA ALA A 115 44.39 12.80 -1.02
C ALA A 115 44.65 14.29 -0.86
N ARG A 116 44.85 14.73 0.38
CA ARG A 116 45.17 16.14 0.67
C ARG A 116 46.41 16.60 -0.11
N ARG A 117 47.42 15.74 -0.17
CA ARG A 117 48.66 16.05 -0.90
C ARG A 117 48.43 16.15 -2.39
N ARG A 118 47.68 15.19 -2.94
CA ARG A 118 47.34 15.19 -4.36
C ARG A 118 46.61 16.46 -4.77
N LEU A 119 45.68 16.90 -3.94
CA LEU A 119 44.87 18.08 -4.26
C LEU A 119 45.73 19.34 -4.19
N LYS A 120 46.62 19.39 -3.21
CA LYS A 120 47.63 20.44 -3.13
C LYS A 120 48.52 20.44 -4.38
N ASN A 121 48.90 19.25 -4.84
CA ASN A 121 49.76 19.12 -6.02
C ASN A 121 49.09 19.52 -7.33
N LEU A 122 47.76 19.56 -7.33
CA LEU A 122 46.98 19.93 -8.51
C LEU A 122 46.61 21.41 -8.49
N ASP A 123 47.19 22.14 -7.56
CA ASP A 123 46.92 23.57 -7.37
C ASP A 123 45.44 23.83 -7.10
N LEU A 124 44.85 22.97 -6.26
CA LEU A 124 43.47 23.15 -5.82
C LEU A 124 43.52 23.66 -4.38
N HIS A 125 43.09 24.90 -4.17
CA HIS A 125 43.16 25.51 -2.85
C HIS A 125 41.81 25.75 -2.17
N ASN A 126 40.73 25.35 -2.84
CA ASN A 126 39.40 25.55 -2.28
C ASN A 126 38.85 24.26 -1.64
N VAL A 127 39.74 23.41 -1.14
CA VAL A 127 39.34 22.16 -0.49
C VAL A 127 39.79 22.10 0.97
N SER A 128 38.87 21.69 1.83
CA SER A 128 39.19 21.40 3.22
C SER A 128 38.97 19.92 3.46
N THR A 129 40.02 19.22 3.91
CA THR A 129 39.90 17.78 4.16
C THR A 129 39.98 17.50 5.63
N ARG A 130 39.38 16.37 6.01
CA ARG A 130 39.28 15.98 7.39
C ARG A 130 39.32 14.46 7.54
N HIS A 131 40.15 13.98 8.45
CA HIS A 131 40.11 12.59 8.88
C HIS A 131 39.02 12.46 9.93
N GLY A 132 37.94 11.77 9.58
CA GLY A 132 36.81 11.65 10.50
C GLY A 132 35.73 10.70 10.02
N ASP A 133 34.67 10.62 10.81
CA ASP A 133 33.52 9.78 10.50
C ASP A 133 32.40 10.62 9.89
N GLY A 134 32.17 10.42 8.60
CA GLY A 134 31.20 11.22 7.87
C GLY A 134 29.74 11.00 8.24
N TRP A 135 29.43 9.95 9.00
CA TRP A 135 28.09 9.81 9.58
C TRP A 135 27.72 11.09 10.32
N GLN A 136 28.73 11.76 10.89
CA GLN A 136 28.53 13.01 11.63
C GLN A 136 28.57 14.30 10.78
N GLY A 137 28.83 14.17 9.48
CA GLY A 137 28.96 15.36 8.62
C GLY A 137 30.10 16.24 9.08
N TRP A 138 29.88 17.55 9.07
CA TRP A 138 30.92 18.50 9.49
C TRP A 138 30.20 19.74 9.97
N GLN A 139 29.70 19.66 11.19
CA GLN A 139 28.73 20.63 11.70
C GLN A 139 29.22 22.07 11.66
N ALA A 140 30.49 22.28 11.99
CA ALA A 140 31.03 23.63 12.01
C ALA A 140 30.95 24.33 10.65
N ARG A 141 31.02 23.57 9.57
CA ARG A 141 31.06 24.13 8.22
C ARG A 141 29.64 24.20 7.62
N ALA A 142 28.70 23.57 8.31
CA ALA A 142 27.31 23.52 7.87
C ALA A 142 26.66 24.91 7.98
N PRO A 143 25.61 25.17 7.19
CA PRO A 143 24.95 24.21 6.29
C PRO A 143 25.56 24.17 4.90
N PHE A 144 25.16 23.17 4.12
CA PHE A 144 25.73 22.97 2.81
C PHE A 144 24.65 22.99 1.78
N ASP A 145 25.01 23.50 0.59
CA ASP A 145 24.10 23.50 -0.55
C ASP A 145 24.03 22.13 -1.18
N ALA A 146 25.10 21.36 -1.01
CA ALA A 146 25.20 20.03 -1.64
C ALA A 146 26.04 19.10 -0.77
N ILE A 147 25.53 17.88 -0.58
CA ILE A 147 26.25 16.86 0.16
C ILE A 147 26.30 15.63 -0.71
N ILE A 148 27.49 15.07 -0.86
CA ILE A 148 27.64 13.87 -1.68
C ILE A 148 28.39 12.79 -0.88
N VAL A 149 27.84 11.59 -0.90
CA VAL A 149 28.41 10.49 -0.11
C VAL A 149 28.84 9.38 -1.06
N THR A 150 30.09 8.95 -0.96
CA THR A 150 30.64 7.96 -1.89
C THR A 150 30.87 6.55 -1.27
N ALA A 151 30.16 6.26 -0.20
CA ALA A 151 30.10 4.92 0.40
C ALA A 151 28.64 4.75 0.83
N ALA A 152 28.19 3.50 0.99
CA ALA A 152 26.76 3.28 1.23
C ALA A 152 26.40 2.93 2.68
N PRO A 153 25.67 3.83 3.35
CA PRO A 153 25.13 3.42 4.64
C PRO A 153 23.82 2.66 4.44
N PRO A 154 23.40 1.90 5.45
CA PRO A 154 22.14 1.15 5.39
C PRO A 154 20.91 2.05 5.55
N GLU A 155 21.11 3.22 6.12
CA GLU A 155 20.08 4.26 6.29
C GLU A 155 20.69 5.60 5.93
N ILE A 156 19.84 6.61 5.78
CA ILE A 156 20.33 7.95 5.50
C ILE A 156 20.80 8.58 6.82
N PRO A 157 22.10 8.91 6.92
CA PRO A 157 22.55 9.50 8.17
C PRO A 157 21.83 10.82 8.49
N THR A 158 21.34 10.92 9.73
CA THR A 158 20.50 12.05 10.11
C THR A 158 21.24 13.38 10.00
N ALA A 159 22.50 13.41 10.42
CA ALA A 159 23.29 14.64 10.38
C ALA A 159 23.42 15.16 8.95
N LEU A 160 23.36 14.26 7.97
CA LEU A 160 23.57 14.67 6.59
C LEU A 160 22.30 15.24 5.99
N MET A 161 21.17 15.08 6.67
CA MET A 161 19.99 15.86 6.32
C MET A 161 19.96 17.19 7.08
N THR A 162 20.26 17.11 8.38
CA THR A 162 20.30 18.29 9.26
C THR A 162 21.21 19.39 8.70
N GLN A 163 22.34 19.00 8.14
CA GLN A 163 23.36 19.96 7.70
C GLN A 163 23.11 20.53 6.29
N LEU A 164 22.01 20.10 5.65
CA LEU A 164 21.60 20.72 4.40
C LEU A 164 21.04 22.12 4.66
N ASP A 165 21.45 23.09 3.82
CA ASP A 165 20.85 24.41 3.83
C ASP A 165 19.48 24.33 3.19
N GLU A 166 18.74 25.43 3.24
CA GLU A 166 17.52 25.55 2.43
C GLU A 166 17.82 25.27 0.95
N GLY A 167 17.00 24.43 0.32
CA GLY A 167 17.25 24.05 -1.08
C GLY A 167 18.43 23.11 -1.28
N GLY A 168 19.01 22.64 -0.17
CA GLY A 168 20.19 21.78 -0.19
C GLY A 168 19.86 20.43 -0.77
N ILE A 169 20.84 19.81 -1.45
CA ILE A 169 20.64 18.51 -2.08
C ILE A 169 21.70 17.55 -1.54
N LEU A 170 21.22 16.40 -1.05
CA LEU A 170 22.05 15.30 -0.58
C LEU A 170 21.97 14.15 -1.58
N VAL A 171 23.12 13.64 -2.01
CA VAL A 171 23.12 12.49 -2.94
C VAL A 171 23.98 11.39 -2.34
N LEU A 172 23.38 10.20 -2.22
CA LEU A 172 24.05 9.06 -1.59
C LEU A 172 23.44 7.73 -2.02
N PRO A 173 24.28 6.69 -2.06
CA PRO A 173 23.80 5.33 -2.17
C PRO A 173 23.31 4.83 -0.79
N VAL A 174 22.17 4.14 -0.76
CA VAL A 174 21.58 3.65 0.50
C VAL A 174 21.18 2.21 0.39
N GLY A 175 21.59 1.42 1.39
CA GLY A 175 21.18 0.02 1.51
C GLY A 175 22.35 -0.90 1.82
N GLU A 176 22.07 -2.20 1.84
CA GLU A 176 23.09 -3.22 2.05
C GLU A 176 22.92 -4.31 1.00
N GLU A 177 21.84 -5.07 1.13
CA GLU A 177 21.51 -6.15 0.20
C GLU A 177 20.97 -5.54 -1.08
N HIS A 178 20.10 -4.54 -0.91
CA HIS A 178 19.58 -3.74 -2.02
C HIS A 178 20.08 -2.31 -1.87
N GLN A 179 21.04 -1.87 -2.70
CA GLN A 179 21.46 -0.47 -2.69
C GLN A 179 20.87 0.34 -3.85
N TYR A 180 20.38 1.52 -3.53
CA TYR A 180 19.93 2.48 -4.53
C TYR A 180 20.51 3.86 -4.29
N LEU A 181 20.83 4.55 -5.38
CA LEU A 181 21.25 5.97 -5.31
C LEU A 181 20.04 6.83 -5.01
N LYS A 182 20.14 7.66 -3.98
CA LYS A 182 19.02 8.49 -3.60
C LYS A 182 19.39 9.97 -3.62
N ARG A 183 18.39 10.78 -3.90
CA ARG A 183 18.55 12.23 -3.81
C ARG A 183 17.60 12.77 -2.76
N VAL A 184 18.13 13.53 -1.80
CA VAL A 184 17.31 14.10 -0.73
C VAL A 184 17.40 15.61 -0.86
N ARG A 185 16.24 16.26 -0.89
CA ARG A 185 16.19 17.71 -1.07
C ARG A 185 15.53 18.35 0.15
N ARG A 186 16.17 19.36 0.71
CA ARG A 186 15.58 20.06 1.83
C ARG A 186 14.67 21.16 1.31
N ARG A 187 13.42 21.16 1.75
CA ARG A 187 12.43 22.11 1.27
C ARG A 187 11.59 22.60 2.43
N GLY A 188 11.98 23.74 2.99
CA GLY A 188 11.23 24.33 4.10
C GLY A 188 11.20 23.34 5.26
N GLY A 189 9.99 22.93 5.68
CA GLY A 189 9.86 21.98 6.78
C GLY A 189 9.95 20.49 6.44
N GLU A 190 10.34 20.18 5.21
CA GLU A 190 10.34 18.79 4.78
C GLU A 190 11.63 18.39 4.06
N PHE A 191 11.91 17.09 4.03
CA PHE A 191 12.94 16.55 3.15
C PHE A 191 12.24 15.62 2.18
N ILE A 192 12.64 15.70 0.93
CA ILE A 192 12.01 14.90 -0.13
C ILE A 192 13.05 13.93 -0.64
N ILE A 193 12.72 12.63 -0.59
CA ILE A 193 13.66 11.57 -0.92
C ILE A 193 13.21 10.92 -2.22
N ASP A 194 14.07 10.97 -3.25
CA ASP A 194 13.79 10.32 -4.54
C ASP A 194 14.76 9.18 -4.75
N THR A 195 14.30 8.12 -5.40
CA THR A 195 15.18 7.03 -5.81
C THR A 195 15.59 7.20 -7.28
N VAL A 196 16.88 7.01 -7.56
CA VAL A 196 17.42 7.28 -8.89
C VAL A 196 17.72 5.99 -9.66
N GLU A 197 18.69 5.22 -9.18
CA GLU A 197 19.09 3.98 -9.85
C GLU A 197 19.75 2.99 -8.89
N ALA A 198 19.91 1.75 -9.35
CA ALA A 198 20.59 0.73 -8.56
C ALA A 198 22.09 0.98 -8.58
N VAL A 199 22.73 0.71 -7.44
CA VAL A 199 24.18 0.83 -7.34
C VAL A 199 24.74 -0.21 -6.36
N ARG A 200 26.07 -0.24 -6.26
CA ARG A 200 26.73 -1.16 -5.36
C ARG A 200 28.04 -0.51 -4.91
N PHE A 201 28.02 -0.05 -3.67
CA PHE A 201 29.17 0.62 -3.08
C PHE A 201 29.65 -0.16 -1.88
N VAL A 202 30.89 0.09 -1.50
CA VAL A 202 31.37 -0.35 -0.20
C VAL A 202 30.56 0.40 0.88
N PRO A 203 30.37 -0.24 2.05
CA PRO A 203 29.58 0.38 3.11
C PRO A 203 30.21 1.62 3.72
N LEU A 204 29.37 2.53 4.18
CA LEU A 204 29.83 3.68 4.93
C LEU A 204 29.94 3.23 6.36
N VAL A 205 31.18 3.09 6.84
CA VAL A 205 31.46 2.43 8.10
C VAL A 205 31.38 3.43 9.24
N LYS A 206 30.61 3.07 10.27
CA LYS A 206 30.33 3.97 11.38
C LYS A 206 31.45 3.97 12.42
N GLY A 207 31.68 5.13 13.02
CA GLY A 207 32.59 5.24 14.15
C GLY A 207 34.05 5.05 13.83
N GLU A 208 34.66 4.06 14.49
CA GLU A 208 36.14 3.95 14.60
C GLU A 208 36.90 4.34 13.34
N LEU A 209 37.86 5.25 13.51
CA LEU A 209 38.64 5.76 12.40
C LEU A 209 39.75 4.78 12.07
N ALA A 210 39.94 4.57 10.78
CA ALA A 210 41.01 3.72 10.28
C ALA A 210 42.19 4.61 9.90
N VAL B 4 -17.74 6.39 31.01
CA VAL B 4 -16.31 6.68 31.37
C VAL B 4 -16.22 7.20 32.81
N SER B 5 -15.33 6.59 33.59
CA SER B 5 -15.11 7.01 34.97
C SER B 5 -14.53 8.43 34.99
N ARG B 6 -14.64 9.10 36.14
CA ARG B 6 -14.06 10.43 36.31
C ARG B 6 -12.57 10.44 35.96
N ARG B 7 -11.89 9.36 36.34
CA ARG B 7 -10.48 9.16 36.02
C ARG B 7 -10.25 9.25 34.51
N VAL B 8 -11.00 8.43 33.76
CA VAL B 8 -10.89 8.36 32.31
C VAL B 8 -11.25 9.70 31.65
N GLN B 9 -12.43 10.22 31.99
CA GLN B 9 -12.89 11.50 31.42
C GLN B 9 -11.88 12.62 31.68
N ALA B 10 -11.28 12.65 32.87
CA ALA B 10 -10.29 13.67 33.19
C ALA B 10 -9.04 13.60 32.29
N LEU B 11 -8.66 12.39 31.88
CA LEU B 11 -7.53 12.23 30.95
C LEU B 11 -7.88 12.76 29.56
N LEU B 12 -8.98 12.24 29.00
CA LEU B 12 -9.49 12.69 27.70
C LEU B 12 -9.53 14.21 27.61
N ASP B 13 -10.11 14.84 28.64
CA ASP B 13 -10.19 16.30 28.72
C ASP B 13 -8.82 16.95 28.65
N GLN B 14 -7.84 16.41 29.38
CA GLN B 14 -6.47 16.94 29.34
C GLN B 14 -5.87 16.85 27.94
N LEU B 15 -6.24 15.79 27.22
CA LEU B 15 -5.67 15.55 25.89
C LEU B 15 -6.16 16.56 24.86
N ARG B 16 -7.39 17.05 25.03
CA ARG B 16 -7.95 18.07 24.13
C ARG B 16 -7.32 19.45 24.34
N ALA B 17 -7.04 19.79 25.60
CA ALA B 17 -6.25 20.99 25.89
C ALA B 17 -4.92 20.90 25.16
N GLN B 18 -4.61 19.70 24.66
CA GLN B 18 -3.42 19.43 23.87
C GLN B 18 -3.74 19.21 22.38
N GLY B 19 -5.02 19.09 22.03
CA GLY B 19 -5.44 19.02 20.63
C GLY B 19 -5.99 17.70 20.10
N ILE B 20 -6.22 16.74 20.97
CA ILE B 20 -6.75 15.46 20.51
C ILE B 20 -8.27 15.60 20.31
N GLN B 21 -8.64 16.03 19.11
CA GLN B 21 -10.03 16.29 18.71
C GLN B 21 -10.61 15.10 17.98
N ASP B 22 -9.77 14.08 17.82
CA ASP B 22 -10.09 12.89 17.06
C ASP B 22 -11.05 11.99 17.84
N GLU B 23 -12.35 12.19 17.62
CA GLU B 23 -13.41 11.41 18.25
C GLU B 23 -13.12 9.90 18.27
N GLN B 24 -12.66 9.36 17.14
CA GLN B 24 -12.35 7.93 17.02
C GLN B 24 -11.18 7.50 17.90
N VAL B 25 -10.13 8.33 17.95
CA VAL B 25 -8.98 8.07 18.80
C VAL B 25 -9.32 8.24 20.30
N LEU B 26 -10.14 9.24 20.61
CA LEU B 26 -10.57 9.46 22.00
C LEU B 26 -11.44 8.32 22.48
N ASN B 27 -12.27 7.80 21.59
CA ASN B 27 -13.11 6.64 21.91
C ASN B 27 -12.27 5.41 22.20
N ALA B 28 -11.20 5.25 21.41
CA ALA B 28 -10.24 4.15 21.57
C ALA B 28 -9.55 4.26 22.93
N LEU B 29 -9.08 5.46 23.25
CA LEU B 29 -8.49 5.76 24.56
C LEU B 29 -9.42 5.45 25.72
N ALA B 30 -10.70 5.77 25.58
CA ALA B 30 -11.69 5.46 26.61
C ALA B 30 -11.99 3.95 26.71
N ALA B 31 -11.76 3.21 25.62
CA ALA B 31 -12.18 1.82 25.54
C ALA B 31 -11.11 0.82 25.97
N VAL B 32 -9.87 1.29 26.06
CA VAL B 32 -8.77 0.42 26.46
C VAL B 32 -8.44 0.67 27.93
N PRO B 33 -8.59 -0.36 28.78
CA PRO B 33 -8.34 -0.15 30.20
C PRO B 33 -6.84 -0.06 30.46
N ARG B 34 -6.32 1.16 30.48
CA ARG B 34 -4.88 1.39 30.65
C ARG B 34 -4.33 0.70 31.89
N GLU B 35 -5.13 0.63 32.95
CA GLU B 35 -4.67 -0.02 34.21
C GLU B 35 -4.22 -1.46 34.01
N LYS B 36 -4.85 -2.17 33.08
CA LYS B 36 -4.49 -3.56 32.82
C LYS B 36 -3.10 -3.67 32.18
N PHE B 37 -2.50 -2.53 31.84
CA PHE B 37 -1.25 -2.53 31.08
C PHE B 37 -0.02 -2.19 31.90
N VAL B 38 -0.25 -1.85 33.16
CA VAL B 38 0.83 -1.62 34.12
C VAL B 38 0.64 -2.45 35.39
N ASP B 39 1.65 -2.41 36.27
CA ASP B 39 1.61 -3.11 37.56
C ASP B 39 0.45 -2.63 38.43
N GLU B 40 -0.08 -3.52 39.24
CA GLU B 40 -1.17 -3.18 40.17
C GLU B 40 -0.77 -2.05 41.12
N ALA B 41 0.54 -1.85 41.30
CA ALA B 41 1.04 -0.75 42.14
C ALA B 41 0.87 0.62 41.50
N PHE B 42 0.62 0.66 40.20
CA PHE B 42 0.45 1.93 39.51
C PHE B 42 -1.00 2.22 39.11
N GLU B 43 -1.94 1.47 39.70
CA GLU B 43 -3.38 1.68 39.49
C GLU B 43 -3.79 3.15 39.61
N GLN B 44 -3.40 3.81 40.70
CA GLN B 44 -3.82 5.18 40.97
C GLN B 44 -3.34 6.16 39.90
N LYS B 45 -2.22 5.85 39.26
CA LYS B 45 -1.63 6.72 38.24
C LYS B 45 -1.83 6.19 36.82
N ALA B 46 -2.66 5.15 36.69
CA ALA B 46 -2.87 4.47 35.42
C ALA B 46 -3.58 5.33 34.38
N TRP B 47 -4.24 6.39 34.85
CA TRP B 47 -4.93 7.29 33.96
C TRP B 47 -4.37 8.72 34.03
N ASP B 48 -3.20 8.86 34.66
CA ASP B 48 -2.46 10.11 34.58
C ASP B 48 -1.75 10.23 33.23
N ASN B 49 -1.56 11.47 32.79
CA ASN B 49 -0.95 11.74 31.49
C ASN B 49 0.57 11.68 31.57
N ILE B 50 1.07 10.48 31.87
CA ILE B 50 2.49 10.25 32.10
C ILE B 50 2.92 8.90 31.55
N ALA B 51 4.23 8.74 31.38
CA ALA B 51 4.80 7.44 31.04
C ALA B 51 5.02 6.64 32.33
N LEU B 52 4.80 5.33 32.26
CA LEU B 52 4.97 4.46 33.42
C LEU B 52 5.81 3.21 33.10
N PRO B 53 6.56 2.70 34.11
CA PRO B 53 7.39 1.51 33.97
C PRO B 53 6.57 0.26 33.68
N ILE B 54 7.03 -0.56 32.75
CA ILE B 54 6.41 -1.87 32.48
C ILE B 54 7.41 -3.02 32.68
N GLY B 55 8.61 -2.68 33.16
CA GLY B 55 9.58 -3.72 33.46
C GLY B 55 10.32 -4.23 32.24
N GLN B 56 11.24 -5.16 32.49
CA GLN B 56 12.29 -5.53 31.54
C GLN B 56 12.96 -4.29 30.92
N GLY B 57 12.84 -3.16 31.63
CA GLY B 57 13.54 -1.93 31.29
C GLY B 57 12.77 -0.95 30.42
N GLN B 58 11.51 -1.27 30.14
CA GLN B 58 10.71 -0.53 29.18
C GLN B 58 9.65 0.32 29.86
N THR B 59 8.94 1.13 29.08
CA THR B 59 7.91 1.98 29.64
C THR B 59 6.65 1.96 28.77
N ILE B 60 5.51 2.22 29.38
CA ILE B 60 4.30 2.51 28.62
C ILE B 60 4.30 4.01 28.34
N SER B 61 3.94 4.40 27.11
CA SER B 61 4.04 5.81 26.73
C SER B 61 2.95 6.68 27.37
N GLN B 62 3.26 7.98 27.44
CA GLN B 62 2.31 9.01 27.83
C GLN B 62 1.07 8.90 26.93
N PRO B 63 -0.14 8.98 27.52
CA PRO B 63 -1.35 8.91 26.71
C PRO B 63 -1.40 9.96 25.61
N TYR B 64 -0.87 11.16 25.89
CA TYR B 64 -0.83 12.22 24.89
C TYR B 64 -0.04 11.77 23.66
N MET B 65 1.17 11.26 23.92
CA MET B 65 2.05 10.82 22.85
C MET B 65 1.40 9.71 22.04
N VAL B 66 0.75 8.77 22.73
CA VAL B 66 0.04 7.69 22.06
C VAL B 66 -1.07 8.27 21.16
N ALA B 67 -1.81 9.23 21.69
CA ALA B 67 -2.91 9.86 20.94
C ALA B 67 -2.41 10.65 19.73
N ARG B 68 -1.34 11.41 19.94
CA ARG B 68 -0.78 12.26 18.90
C ARG B 68 -0.21 11.41 17.76
N MET B 69 0.53 10.36 18.14
CA MET B 69 1.13 9.48 17.15
C MET B 69 0.06 8.75 16.38
N THR B 70 -0.99 8.29 17.07
CA THR B 70 -2.07 7.53 16.44
C THR B 70 -2.83 8.39 15.41
N GLU B 71 -3.13 9.63 15.75
CA GLU B 71 -3.88 10.48 14.82
C GLU B 71 -3.07 10.85 13.57
N LEU B 72 -1.76 10.94 13.72
CA LEU B 72 -0.85 11.20 12.59
C LEU B 72 -0.87 10.10 11.53
N LEU B 73 -1.25 8.90 11.92
CA LEU B 73 -1.34 7.77 11.01
C LEU B 73 -2.45 7.92 9.98
N GLU B 74 -3.39 8.83 10.26
CA GLU B 74 -4.56 9.06 9.42
C GLU B 74 -5.24 7.72 9.12
N LEU B 75 -5.59 7.01 10.19
CA LEU B 75 -6.13 5.67 10.09
C LEU B 75 -7.58 5.64 9.65
N THR B 76 -7.93 4.58 8.93
CA THR B 76 -9.32 4.30 8.65
C THR B 76 -9.63 2.88 9.12
N PRO B 77 -10.93 2.53 9.24
CA PRO B 77 -11.29 1.16 9.59
C PRO B 77 -10.67 0.09 8.68
N GLN B 78 -10.25 0.47 7.47
CA GLN B 78 -9.66 -0.49 6.54
C GLN B 78 -8.11 -0.52 6.50
N SER B 79 -7.48 0.33 7.30
CA SER B 79 -6.03 0.41 7.35
C SER B 79 -5.39 -0.89 7.85
N ARG B 80 -4.33 -1.31 7.16
CA ARG B 80 -3.49 -2.40 7.66
C ARG B 80 -2.26 -1.71 8.26
N VAL B 81 -1.92 -2.09 9.49
CA VAL B 81 -0.91 -1.35 10.29
C VAL B 81 0.18 -2.27 10.77
N LEU B 82 1.40 -1.71 10.84
CA LEU B 82 2.52 -2.36 11.42
C LEU B 82 2.93 -1.50 12.60
N GLU B 83 2.98 -2.11 13.78
CA GLU B 83 3.50 -1.43 14.98
C GLU B 83 4.84 -2.02 15.35
N ILE B 84 5.77 -1.14 15.72
CA ILE B 84 7.06 -1.58 16.21
C ILE B 84 7.23 -1.22 17.69
N GLY B 85 7.44 -2.23 18.53
CA GLY B 85 7.63 -1.99 19.97
C GLY B 85 6.38 -2.33 20.75
N THR B 86 5.93 -3.57 20.63
CA THR B 86 4.66 -4.00 21.24
C THR B 86 4.57 -3.59 22.71
N GLY B 87 5.67 -3.76 23.44
CA GLY B 87 5.71 -3.44 24.87
C GLY B 87 4.62 -4.16 25.66
N SER B 88 3.79 -3.37 26.33
CA SER B 88 2.68 -3.92 27.11
CA SER B 88 2.63 -3.83 27.10
C SER B 88 1.53 -4.31 26.20
N GLY B 89 1.52 -3.76 25.00
CA GLY B 89 0.46 -3.97 24.04
C GLY B 89 -0.58 -2.85 24.12
N TYR B 90 -0.30 -1.83 24.90
CA TYR B 90 -1.26 -0.73 25.11
C TYR B 90 -1.60 0.06 23.85
N GLN B 91 -0.57 0.52 23.16
CA GLN B 91 -0.75 1.20 21.87
C GLN B 91 -1.32 0.19 20.88
N THR B 92 -0.84 -1.05 20.94
CA THR B 92 -1.40 -2.13 20.09
C THR B 92 -2.92 -2.21 20.19
N ALA B 93 -3.43 -2.29 21.43
CA ALA B 93 -4.86 -2.37 21.68
C ALA B 93 -5.63 -1.18 21.14
N ILE B 94 -5.09 0.02 21.34
CA ILE B 94 -5.67 1.26 20.80
C ILE B 94 -5.77 1.19 19.27
N LEU B 95 -4.69 0.75 18.63
CA LEU B 95 -4.70 0.55 17.18
C LEU B 95 -5.75 -0.48 16.77
N ALA B 96 -5.85 -1.58 17.51
CA ALA B 96 -6.81 -2.66 17.13
C ALA B 96 -8.27 -2.19 17.08
N HIS B 97 -8.60 -1.19 17.91
CA HIS B 97 -9.97 -0.63 17.94
C HIS B 97 -10.24 0.26 16.74
N LEU B 98 -9.18 0.63 16.02
CA LEU B 98 -9.28 1.62 14.97
C LEU B 98 -9.18 1.06 13.56
N VAL B 99 -8.44 -0.04 13.39
CA VAL B 99 -8.07 -0.49 12.06
C VAL B 99 -8.54 -1.90 11.75
N GLN B 100 -8.31 -2.31 10.51
CA GLN B 100 -8.63 -3.65 10.05
C GLN B 100 -7.76 -4.69 10.73
N HIS B 101 -6.47 -4.41 10.82
CA HIS B 101 -5.53 -5.38 11.35
C HIS B 101 -4.25 -4.69 11.79
N VAL B 102 -3.70 -5.17 12.90
CA VAL B 102 -2.41 -4.69 13.38
C VAL B 102 -1.42 -5.84 13.41
N CYS B 103 -0.24 -5.62 12.84
CA CYS B 103 0.88 -6.53 13.00
C CYS B 103 1.84 -5.79 13.92
N SER B 104 2.27 -6.45 14.99
CA SER B 104 3.15 -5.78 15.97
C SER B 104 4.39 -6.61 16.27
N VAL B 105 5.53 -5.93 16.40
CA VAL B 105 6.81 -6.58 16.55
C VAL B 105 7.44 -6.10 17.86
N GLU B 106 8.00 -7.04 18.63
CA GLU B 106 8.69 -6.75 19.89
C GLU B 106 9.93 -7.60 20.03
N ARG B 107 11.03 -7.01 20.48
CA ARG B 107 12.30 -7.72 20.53
C ARG B 107 12.52 -8.52 21.82
N ILE B 108 11.78 -8.22 22.89
CA ILE B 108 11.91 -8.92 24.16
C ILE B 108 10.77 -9.94 24.24
N LYS B 109 11.14 -11.22 24.25
CA LYS B 109 10.17 -12.32 24.22
C LYS B 109 9.19 -12.22 25.39
N GLY B 110 9.70 -11.84 26.56
CA GLY B 110 8.90 -11.79 27.78
C GLY B 110 7.75 -10.83 27.61
N LEU B 111 8.01 -9.68 27.00
CA LEU B 111 6.98 -8.69 26.78
C LEU B 111 6.03 -9.16 25.68
N GLN B 112 6.60 -9.70 24.60
CA GLN B 112 5.75 -10.18 23.51
C GLN B 112 4.79 -11.24 24.01
N TRP B 113 5.30 -12.16 24.81
CA TRP B 113 4.46 -13.22 25.38
C TRP B 113 3.32 -12.67 26.21
N GLN B 114 3.64 -11.75 27.11
CA GLN B 114 2.61 -11.15 27.97
C GLN B 114 1.62 -10.28 27.22
N ALA B 115 2.13 -9.49 26.26
CA ALA B 115 1.25 -8.64 25.44
C ALA B 115 0.29 -9.49 24.62
N ARG B 116 0.81 -10.54 24.05
CA ARG B 116 -0.04 -11.46 23.24
C ARG B 116 -1.22 -11.96 24.06
N ARG B 117 -0.95 -12.42 25.29
CA ARG B 117 -2.01 -12.90 26.19
C ARG B 117 -2.96 -11.79 26.60
N ARG B 118 -2.39 -10.67 27.02
CA ARG B 118 -3.15 -9.49 27.40
C ARG B 118 -4.12 -9.04 26.30
N LEU B 119 -3.70 -9.09 25.03
CA LEU B 119 -4.57 -8.71 23.91
C LEU B 119 -5.65 -9.75 23.60
N LYS B 120 -5.28 -11.03 23.62
CA LYS B 120 -6.25 -12.12 23.46
C LYS B 120 -7.33 -11.98 24.51
N ASN B 121 -6.91 -11.72 25.75
CA ASN B 121 -7.81 -11.62 26.89
C ASN B 121 -8.74 -10.41 26.84
N LEU B 122 -8.33 -9.36 26.12
CA LEU B 122 -9.19 -8.19 25.95
C LEU B 122 -10.18 -8.40 24.79
N ASP B 123 -10.19 -9.61 24.24
CA ASP B 123 -11.13 -10.01 23.20
C ASP B 123 -10.80 -9.38 21.83
N LEU B 124 -9.51 -9.09 21.61
CA LEU B 124 -9.07 -8.55 20.33
C LEU B 124 -8.63 -9.69 19.41
N HIS B 125 -9.09 -9.64 18.16
CA HIS B 125 -8.88 -10.75 17.21
C HIS B 125 -8.23 -10.31 15.92
N ASN B 126 -7.90 -9.03 15.82
CA ASN B 126 -7.29 -8.51 14.61
C ASN B 126 -5.84 -8.10 14.85
N VAL B 127 -5.14 -8.86 15.71
CA VAL B 127 -3.76 -8.53 16.08
C VAL B 127 -2.83 -9.70 15.77
N SER B 128 -1.78 -9.44 15.00
CA SER B 128 -0.68 -10.40 14.83
C SER B 128 0.52 -9.91 15.59
N THR B 129 1.28 -10.85 16.16
CA THR B 129 2.34 -10.50 17.08
C THR B 129 3.61 -11.26 16.69
N ARG B 130 4.76 -10.61 16.84
CA ARG B 130 6.01 -11.20 16.39
C ARG B 130 7.14 -10.84 17.34
N HIS B 131 7.96 -11.83 17.66
CA HIS B 131 9.20 -11.62 18.43
C HIS B 131 10.29 -11.40 17.39
N GLY B 132 10.71 -10.14 17.23
CA GLY B 132 11.54 -9.77 16.12
C GLY B 132 12.22 -8.43 16.27
N ASP B 133 13.13 -8.15 15.35
CA ASP B 133 13.85 -6.85 15.33
C ASP B 133 13.17 -5.91 14.36
N GLY B 134 12.55 -4.86 14.90
CA GLY B 134 11.67 -3.96 14.14
C GLY B 134 12.39 -3.09 13.13
N TRP B 135 13.72 -3.01 13.23
CA TRP B 135 14.53 -2.41 12.18
C TRP B 135 14.26 -3.06 10.84
N GLN B 136 13.84 -4.32 10.86
CA GLN B 136 13.55 -5.06 9.64
C GLN B 136 12.07 -5.05 9.28
N GLY B 137 11.25 -4.41 10.10
CA GLY B 137 9.81 -4.35 9.90
C GLY B 137 9.21 -5.74 9.86
N TRP B 138 8.33 -6.00 8.91
CA TRP B 138 7.79 -7.34 8.80
C TRP B 138 7.40 -7.57 7.35
N GLN B 139 8.40 -7.98 6.57
CA GLN B 139 8.30 -8.07 5.13
C GLN B 139 7.14 -8.93 4.68
N ALA B 140 6.98 -10.09 5.31
CA ALA B 140 5.94 -11.06 4.94
C ALA B 140 4.54 -10.45 5.00
N ARG B 141 4.34 -9.53 5.95
CA ARG B 141 3.04 -8.88 6.17
C ARG B 141 2.84 -7.61 5.33
N ALA B 142 3.88 -7.15 4.65
CA ALA B 142 3.88 -5.89 3.89
C ALA B 142 3.06 -5.97 2.59
N PRO B 143 2.64 -4.80 2.06
CA PRO B 143 2.88 -3.46 2.62
C PRO B 143 1.81 -3.03 3.62
N PHE B 144 2.08 -1.91 4.30
CA PHE B 144 1.20 -1.35 5.30
C PHE B 144 0.78 0.06 4.97
N ASP B 145 -0.46 0.38 5.32
CA ASP B 145 -0.99 1.73 5.16
C ASP B 145 -0.43 2.68 6.21
N ALA B 146 0.04 2.13 7.32
CA ALA B 146 0.54 2.93 8.43
C ALA B 146 1.51 2.11 9.24
N ILE B 147 2.60 2.76 9.63
CA ILE B 147 3.61 2.12 10.43
C ILE B 147 3.91 3.06 11.58
N ILE B 148 3.90 2.52 12.78
CA ILE B 148 4.16 3.34 13.98
CA ILE B 148 4.11 3.33 14.00
C ILE B 148 5.22 2.69 14.84
N VAL B 149 6.17 3.49 15.26
CA VAL B 149 7.34 2.99 15.94
C VAL B 149 7.44 3.67 17.28
N THR B 150 7.55 2.87 18.34
CA THR B 150 7.43 3.39 19.69
C THR B 150 8.73 3.31 20.49
N ALA B 151 9.84 3.21 19.78
CA ALA B 151 11.19 3.39 20.34
C ALA B 151 11.97 4.12 19.28
N ALA B 152 13.03 4.81 19.67
CA ALA B 152 13.73 5.74 18.78
C ALA B 152 15.03 5.19 18.21
N PRO B 153 15.08 5.05 16.87
CA PRO B 153 16.35 4.78 16.21
C PRO B 153 17.01 6.12 15.89
N PRO B 154 18.33 6.11 15.65
CA PRO B 154 19.03 7.37 15.40
C PRO B 154 18.88 7.86 13.95
N GLU B 155 18.43 6.96 13.07
CA GLU B 155 17.96 7.35 11.74
C GLU B 155 16.77 6.48 11.40
N ILE B 156 16.15 6.77 10.27
CA ILE B 156 14.94 6.10 9.89
C ILE B 156 15.29 4.76 9.24
N PRO B 157 14.83 3.64 9.85
CA PRO B 157 15.20 2.35 9.29
C PRO B 157 14.64 2.22 7.90
N THR B 158 15.49 1.79 6.97
CA THR B 158 15.12 1.79 5.58
C THR B 158 13.94 0.85 5.33
N ALA B 159 13.90 -0.29 6.03
CA ALA B 159 12.82 -1.27 5.79
C ALA B 159 11.47 -0.66 6.10
N LEU B 160 11.44 0.25 7.06
CA LEU B 160 10.19 0.87 7.49
C LEU B 160 9.63 1.87 6.47
N MET B 161 10.47 2.32 5.54
CA MET B 161 9.98 3.15 4.43
C MET B 161 9.57 2.24 3.27
N THR B 162 10.41 1.26 2.97
CA THR B 162 10.10 0.32 1.89
C THR B 162 8.79 -0.45 2.07
N GLN B 163 8.43 -0.74 3.31
CA GLN B 163 7.19 -1.51 3.58
C GLN B 163 5.93 -0.65 3.59
N LEU B 164 6.08 0.64 3.28
CA LEU B 164 4.95 1.55 3.13
C LEU B 164 4.24 1.32 1.79
N ASP B 165 2.92 1.16 1.81
CA ASP B 165 2.22 1.12 0.53
CA ASP B 165 2.12 1.12 0.59
C ASP B 165 2.05 2.54 0.03
N GLU B 166 1.55 2.70 -1.20
CA GLU B 166 1.33 4.05 -1.72
C GLU B 166 0.39 4.83 -0.80
N GLY B 167 0.78 6.07 -0.46
CA GLY B 167 -0.02 6.92 0.42
C GLY B 167 0.17 6.59 1.88
N GLY B 168 1.06 5.63 2.15
CA GLY B 168 1.31 5.15 3.50
C GLY B 168 2.01 6.19 4.35
N ILE B 169 1.81 6.09 5.65
CA ILE B 169 2.48 6.99 6.61
C ILE B 169 3.24 6.25 7.69
N LEU B 170 4.48 6.67 7.90
CA LEU B 170 5.32 6.17 8.94
C LEU B 170 5.50 7.28 9.99
N VAL B 171 5.25 6.94 11.25
CA VAL B 171 5.49 7.85 12.39
C VAL B 171 6.43 7.22 13.38
N LEU B 172 7.47 7.96 13.77
CA LEU B 172 8.43 7.38 14.67
C LEU B 172 9.27 8.48 15.27
N PRO B 173 9.77 8.26 16.48
CA PRO B 173 10.73 9.21 17.08
C PRO B 173 12.12 8.92 16.53
N VAL B 174 12.90 9.96 16.30
CA VAL B 174 14.22 9.81 15.69
C VAL B 174 15.24 10.65 16.41
N GLY B 175 16.38 10.04 16.69
CA GLY B 175 17.50 10.75 17.31
C GLY B 175 18.02 9.96 18.48
N GLU B 176 18.93 10.56 19.23
CA GLU B 176 19.47 9.89 20.38
C GLU B 176 19.19 10.75 21.61
N GLU B 177 20.11 11.66 21.90
CA GLU B 177 19.97 12.62 22.98
C GLU B 177 18.84 13.63 22.68
N HIS B 178 18.74 14.02 21.41
CA HIS B 178 17.74 15.00 20.95
C HIS B 178 16.79 14.41 19.90
N GLN B 179 15.73 13.77 20.38
CA GLN B 179 14.79 13.09 19.49
C GLN B 179 13.66 14.01 19.06
N TYR B 180 13.15 13.77 17.85
CA TYR B 180 11.95 14.43 17.38
C TYR B 180 11.06 13.41 16.79
N LEU B 181 9.76 13.58 17.01
CA LEU B 181 8.77 12.77 16.33
C LEU B 181 8.76 13.16 14.84
N LYS B 182 8.87 12.17 13.96
CA LYS B 182 8.94 12.41 12.53
C LYS B 182 7.79 11.70 11.86
N ARG B 183 7.27 12.33 10.83
CA ARG B 183 6.26 11.71 9.96
C ARG B 183 6.87 11.49 8.58
N VAL B 184 6.70 10.29 8.03
CA VAL B 184 7.20 10.02 6.70
C VAL B 184 6.04 9.54 5.85
N ARG B 185 5.81 10.24 4.74
CA ARG B 185 4.69 9.90 3.84
CA ARG B 185 4.69 9.89 3.85
C ARG B 185 5.23 9.39 2.52
N ARG B 186 4.64 8.30 2.02
CA ARG B 186 5.03 7.80 0.71
C ARG B 186 4.12 8.40 -0.35
N ARG B 187 4.72 9.09 -1.32
CA ARG B 187 4.00 9.66 -2.46
C ARG B 187 4.57 9.03 -3.70
N GLY B 188 3.89 8.02 -4.21
CA GLY B 188 4.42 7.26 -5.34
C GLY B 188 5.77 6.65 -5.01
N GLY B 189 6.79 7.08 -5.75
CA GLY B 189 8.16 6.64 -5.51
C GLY B 189 8.91 7.49 -4.50
N GLU B 190 8.31 8.60 -4.09
CA GLU B 190 8.98 9.55 -3.17
C GLU B 190 8.60 9.34 -1.72
N PHE B 191 9.47 9.73 -0.79
CA PHE B 191 9.12 9.77 0.63
C PHE B 191 9.37 11.20 1.12
N ILE B 192 8.42 11.72 1.88
CA ILE B 192 8.51 13.06 2.43
C ILE B 192 8.57 12.98 3.96
N ILE B 193 9.66 13.49 4.51
CA ILE B 193 9.88 13.53 5.93
C ILE B 193 9.60 14.92 6.49
N ASP B 194 8.77 14.98 7.52
CA ASP B 194 8.67 16.21 8.31
C ASP B 194 8.72 15.95 9.81
N THR B 195 8.87 17.03 10.57
CA THR B 195 9.09 16.97 11.99
C THR B 195 7.88 17.50 12.75
N VAL B 196 7.41 16.72 13.72
CA VAL B 196 6.24 17.08 14.53
C VAL B 196 6.62 17.86 15.80
N GLU B 197 7.33 17.20 16.72
CA GLU B 197 7.78 17.85 17.96
C GLU B 197 8.89 17.05 18.64
N ALA B 198 9.54 17.69 19.61
CA ALA B 198 10.53 17.04 20.45
C ALA B 198 9.89 16.00 21.36
N VAL B 199 10.61 14.90 21.57
CA VAL B 199 10.13 13.74 22.32
C VAL B 199 11.31 13.01 22.95
N ARG B 200 11.03 11.96 23.73
CA ARG B 200 12.06 11.14 24.31
C ARG B 200 11.53 9.72 24.55
N PHE B 201 12.11 8.76 23.83
CA PHE B 201 11.75 7.35 23.93
C PHE B 201 13.02 6.55 24.24
N VAL B 202 12.83 5.29 24.63
CA VAL B 202 13.96 4.38 24.76
C VAL B 202 14.45 4.04 23.35
N PRO B 203 15.70 3.57 23.21
CA PRO B 203 16.25 3.28 21.87
C PRO B 203 15.56 2.11 21.17
N LEU B 204 15.61 2.14 19.85
CA LEU B 204 15.14 1.00 19.06
C LEU B 204 16.37 0.15 18.86
N VAL B 205 16.47 -0.95 19.61
CA VAL B 205 17.72 -1.73 19.67
C VAL B 205 17.85 -2.62 18.45
N LYS B 206 18.96 -2.47 17.73
CA LYS B 206 19.21 -3.28 16.53
C LYS B 206 19.84 -4.64 16.86
N GLY B 207 19.48 -5.67 16.10
CA GLY B 207 20.23 -6.92 16.11
C GLY B 207 19.61 -8.02 16.95
N GLU B 208 20.45 -8.74 17.67
CA GLU B 208 19.96 -9.93 18.39
C GLU B 208 18.86 -9.58 19.41
N LEU B 209 17.90 -10.50 19.52
CA LEU B 209 16.74 -10.30 20.37
C LEU B 209 17.05 -10.59 21.83
N ALA B 210 16.03 -10.40 22.67
CA ALA B 210 16.14 -10.67 24.08
C ALA B 210 14.85 -11.28 24.62
N VAL C 4 18.67 -0.15 -22.77
CA VAL C 4 19.50 0.52 -23.82
C VAL C 4 19.77 1.98 -23.51
N SER C 5 18.77 2.67 -22.96
CA SER C 5 18.82 4.11 -22.67
C SER C 5 19.03 4.42 -21.19
N ARG C 6 19.45 5.66 -20.90
CA ARG C 6 19.76 6.08 -19.53
C ARG C 6 18.50 6.27 -18.68
N ARG C 7 17.58 7.10 -19.18
CA ARG C 7 16.33 7.41 -18.49
C ARG C 7 15.48 6.15 -18.26
N VAL C 8 15.55 5.23 -19.22
CA VAL C 8 14.80 3.98 -19.16
C VAL C 8 15.35 3.05 -18.09
N GLN C 9 16.66 2.81 -18.11
CA GLN C 9 17.27 1.90 -17.15
C GLN C 9 17.08 2.43 -15.72
N ALA C 10 17.11 3.74 -15.56
CA ALA C 10 16.86 4.33 -14.24
C ALA C 10 15.43 4.03 -13.78
N LEU C 11 14.45 4.23 -14.67
CA LEU C 11 13.06 3.89 -14.35
C LEU C 11 12.90 2.42 -13.92
N LEU C 12 13.51 1.51 -14.68
CA LEU C 12 13.43 0.09 -14.33
C LEU C 12 13.96 -0.13 -12.91
N ASP C 13 15.16 0.38 -12.65
CA ASP C 13 15.74 0.27 -11.31
C ASP C 13 14.76 0.74 -10.25
N GLN C 14 14.12 1.87 -10.51
CA GLN C 14 13.13 2.46 -9.61
C GLN C 14 11.96 1.52 -9.36
N LEU C 15 11.60 0.78 -10.40
CA LEU C 15 10.57 -0.24 -10.28
C LEU C 15 11.05 -1.45 -9.49
N ARG C 16 12.27 -1.90 -9.78
CA ARG C 16 12.88 -2.98 -8.99
C ARG C 16 12.97 -2.59 -7.52
N ALA C 17 13.26 -1.30 -7.29
CA ALA C 17 13.30 -0.72 -5.95
C ALA C 17 11.96 -0.79 -5.27
N GLN C 18 10.88 -0.78 -6.07
CA GLN C 18 9.52 -0.83 -5.53
C GLN C 18 8.95 -2.27 -5.47
N GLY C 19 9.75 -3.25 -5.88
CA GLY C 19 9.39 -4.65 -5.67
C GLY C 19 9.01 -5.40 -6.92
N ILE C 20 9.24 -4.80 -8.09
CA ILE C 20 8.96 -5.50 -9.35
C ILE C 20 10.05 -6.54 -9.61
N GLN C 21 9.62 -7.81 -9.69
CA GLN C 21 10.54 -8.93 -9.76
C GLN C 21 10.64 -9.52 -11.16
N ASP C 22 9.53 -9.43 -11.88
CA ASP C 22 9.42 -10.05 -13.20
C ASP C 22 10.20 -9.27 -14.27
N GLU C 23 11.39 -9.79 -14.59
CA GLU C 23 12.31 -9.12 -15.50
C GLU C 23 11.79 -9.10 -16.94
N GLN C 24 10.92 -10.06 -17.28
CA GLN C 24 10.28 -10.12 -18.59
C GLN C 24 9.30 -8.96 -18.80
N VAL C 25 8.53 -8.65 -17.76
CA VAL C 25 7.68 -7.46 -17.77
C VAL C 25 8.51 -6.17 -17.94
N LEU C 26 9.64 -6.10 -17.23
CA LEU C 26 10.48 -4.90 -17.27
C LEU C 26 11.11 -4.71 -18.65
N ASN C 27 11.42 -5.82 -19.29
CA ASN C 27 11.96 -5.80 -20.64
C ASN C 27 10.92 -5.24 -21.61
N ALA C 28 9.67 -5.69 -21.47
CA ALA C 28 8.58 -5.20 -22.33
C ALA C 28 8.31 -3.71 -22.09
N LEU C 29 8.30 -3.32 -20.82
CA LEU C 29 8.11 -1.91 -20.46
C LEU C 29 9.21 -1.05 -21.05
N ALA C 30 10.46 -1.53 -20.97
CA ALA C 30 11.60 -0.85 -21.59
C ALA C 30 11.49 -0.78 -23.12
N ALA C 31 10.73 -1.69 -23.71
CA ALA C 31 10.58 -1.76 -25.15
C ALA C 31 9.51 -0.81 -25.71
N VAL C 32 8.77 -0.13 -24.81
CA VAL C 32 7.68 0.78 -25.20
C VAL C 32 8.03 2.23 -24.90
N PRO C 33 8.12 3.07 -25.95
CA PRO C 33 8.53 4.46 -25.72
C PRO C 33 7.39 5.27 -25.09
N ARG C 34 7.44 5.41 -23.77
CA ARG C 34 6.40 6.09 -23.01
C ARG C 34 6.14 7.49 -23.55
N GLU C 35 7.21 8.18 -23.97
CA GLU C 35 7.08 9.55 -24.47
C GLU C 35 6.09 9.68 -25.65
N LYS C 36 5.92 8.61 -26.43
CA LYS C 36 4.95 8.63 -27.54
C LYS C 36 3.49 8.55 -27.08
N PHE C 37 3.28 8.21 -25.81
CA PHE C 37 1.93 8.02 -25.27
C PHE C 37 1.43 9.25 -24.51
N VAL C 38 2.29 10.25 -24.39
CA VAL C 38 1.94 11.49 -23.70
C VAL C 38 2.26 12.70 -24.59
N ASP C 39 1.71 13.86 -24.21
CA ASP C 39 1.97 15.11 -24.90
C ASP C 39 3.47 15.41 -24.95
N GLU C 40 3.90 16.01 -26.06
CA GLU C 40 5.28 16.43 -26.27
C GLU C 40 5.75 17.35 -25.14
N ALA C 41 4.83 18.12 -24.58
CA ALA C 41 5.15 19.03 -23.46
C ALA C 41 5.52 18.27 -22.19
N PHE C 42 5.09 17.01 -22.12
CA PHE C 42 5.37 16.14 -20.97
C PHE C 42 6.70 15.38 -21.09
N GLU C 43 7.42 15.58 -22.20
CA GLU C 43 8.64 14.80 -22.49
C GLU C 43 9.59 14.70 -21.28
N GLN C 44 9.88 15.84 -20.65
CA GLN C 44 10.80 15.89 -19.50
C GLN C 44 10.43 14.90 -18.39
N LYS C 45 9.14 14.58 -18.28
CA LYS C 45 8.62 13.73 -17.21
C LYS C 45 8.06 12.39 -17.69
N ALA C 46 8.25 12.09 -18.98
CA ALA C 46 7.70 10.89 -19.61
C ALA C 46 8.20 9.58 -18.99
N TRP C 47 9.44 9.58 -18.50
CA TRP C 47 10.01 8.37 -17.93
C TRP C 47 10.11 8.45 -16.41
N ASP C 48 9.41 9.43 -15.86
CA ASP C 48 9.26 9.53 -14.41
C ASP C 48 8.23 8.54 -13.94
N ASN C 49 8.48 7.98 -12.76
CA ASN C 49 7.58 7.00 -12.20
C ASN C 49 6.29 7.64 -11.65
N ILE C 50 5.54 8.26 -12.56
CA ILE C 50 4.34 9.02 -12.20
C ILE C 50 3.20 8.85 -13.22
N ALA C 51 1.98 9.15 -12.80
CA ALA C 51 0.83 9.17 -13.73
C ALA C 51 0.76 10.53 -14.40
N LEU C 52 0.27 10.56 -15.63
CA LEU C 52 0.14 11.82 -16.39
C LEU C 52 -1.23 11.89 -17.07
N PRO C 53 -1.79 13.11 -17.21
CA PRO C 53 -3.05 13.27 -17.93
C PRO C 53 -2.88 12.93 -19.41
N ILE C 54 -3.93 12.42 -20.02
CA ILE C 54 -3.97 12.25 -21.46
C ILE C 54 -5.25 12.89 -21.96
N GLY C 55 -5.60 12.63 -23.22
CA GLY C 55 -6.80 13.21 -23.82
C GLY C 55 -8.09 12.89 -23.10
N GLN C 56 -9.07 13.76 -23.31
CA GLN C 56 -10.48 13.50 -22.97
C GLN C 56 -10.74 13.10 -21.50
N GLY C 57 -9.98 13.71 -20.59
CA GLY C 57 -10.17 13.52 -19.16
C GLY C 57 -9.69 12.18 -18.59
N GLN C 58 -8.76 11.53 -19.26
CA GLN C 58 -8.22 10.27 -18.76
C GLN C 58 -6.78 10.43 -18.35
N THR C 59 -6.15 9.33 -17.93
CA THR C 59 -4.79 9.41 -17.43
C THR C 59 -3.98 8.24 -17.95
N ILE C 60 -2.67 8.45 -18.13
CA ILE C 60 -1.76 7.32 -18.36
C ILE C 60 -1.23 6.95 -16.99
N SER C 61 -1.18 5.64 -16.69
CA SER C 61 -0.85 5.19 -15.33
C SER C 61 0.63 5.34 -14.98
N GLN C 62 0.92 5.27 -13.68
CA GLN C 62 2.27 5.26 -13.15
C GLN C 62 2.99 3.98 -13.61
N PRO C 63 4.20 4.11 -14.16
CA PRO C 63 4.91 2.94 -14.69
C PRO C 63 4.99 1.79 -13.71
N TYR C 64 5.21 2.08 -12.43
CA TYR C 64 5.23 1.01 -11.41
C TYR C 64 3.93 0.21 -11.46
N MET C 65 2.80 0.92 -11.40
CA MET C 65 1.49 0.26 -11.33
C MET C 65 1.20 -0.59 -12.57
N VAL C 66 1.59 -0.09 -13.73
CA VAL C 66 1.54 -0.85 -14.98
C VAL C 66 2.33 -2.16 -14.85
N ALA C 67 3.55 -2.08 -14.30
CA ALA C 67 4.37 -3.29 -14.13
C ALA C 67 3.72 -4.26 -13.16
N ARG C 68 3.27 -3.74 -12.03
CA ARG C 68 2.70 -4.53 -10.96
C ARG C 68 1.47 -5.28 -11.46
N MET C 69 0.56 -4.56 -12.12
CA MET C 69 -0.67 -5.18 -12.63
C MET C 69 -0.36 -6.26 -13.66
N THR C 70 0.64 -6.02 -14.49
CA THR C 70 1.01 -6.95 -15.57
C THR C 70 1.64 -8.22 -14.98
N GLU C 71 2.47 -8.06 -13.96
CA GLU C 71 3.08 -9.24 -13.35
C GLU C 71 2.04 -10.08 -12.60
N LEU C 72 0.99 -9.44 -12.08
CA LEU C 72 -0.06 -10.15 -11.35
C LEU C 72 -0.89 -11.08 -12.24
N LEU C 73 -0.79 -10.86 -13.54
CA LEU C 73 -1.56 -11.66 -14.51
C LEU C 73 -0.97 -13.04 -14.75
N GLU C 74 0.26 -13.26 -14.29
CA GLU C 74 0.95 -14.55 -14.49
C GLU C 74 0.86 -14.99 -15.94
N LEU C 75 1.35 -14.13 -16.84
CA LEU C 75 1.24 -14.36 -18.28
C LEU C 75 2.25 -15.38 -18.82
N THR C 76 1.83 -16.08 -19.87
CA THR C 76 2.74 -16.86 -20.72
C THR C 76 2.56 -16.33 -22.16
N PRO C 77 3.53 -16.60 -23.06
CA PRO C 77 3.39 -16.13 -24.44
C PRO C 77 2.11 -16.62 -25.12
N GLN C 78 1.47 -17.63 -24.54
CA GLN C 78 0.22 -18.18 -25.07
C GLN C 78 -1.03 -17.61 -24.42
N SER C 79 -0.86 -16.73 -23.43
CA SER C 79 -2.02 -16.19 -22.71
C SER C 79 -2.94 -15.39 -23.63
N ARG C 80 -4.25 -15.67 -23.52
CA ARG C 80 -5.26 -14.85 -24.14
C ARG C 80 -5.64 -13.76 -23.15
N VAL C 81 -5.43 -12.51 -23.55
CA VAL C 81 -5.67 -11.37 -22.67
C VAL C 81 -6.80 -10.45 -23.13
N LEU C 82 -7.60 -10.01 -22.16
CA LEU C 82 -8.55 -8.96 -22.35
C LEU C 82 -8.15 -7.78 -21.48
N GLU C 83 -7.99 -6.61 -22.09
CA GLU C 83 -7.73 -5.37 -21.36
C GLU C 83 -8.94 -4.48 -21.43
N ILE C 84 -9.30 -3.88 -20.30
CA ILE C 84 -10.39 -2.90 -20.24
C ILE C 84 -9.83 -1.52 -19.96
N GLY C 85 -10.11 -0.57 -20.85
CA GLY C 85 -9.58 0.80 -20.74
C GLY C 85 -8.31 1.05 -21.51
N THR C 86 -8.38 0.89 -22.83
CA THR C 86 -7.23 1.11 -23.73
C THR C 86 -6.49 2.43 -23.45
N GLY C 87 -7.23 3.53 -23.31
CA GLY C 87 -6.65 4.84 -23.06
C GLY C 87 -5.63 5.22 -24.12
N SER C 88 -4.42 5.58 -23.68
CA SER C 88 -3.33 5.88 -24.60
C SER C 88 -2.85 4.65 -25.37
N GLY C 89 -3.10 3.46 -24.82
CA GLY C 89 -2.64 2.19 -25.39
C GLY C 89 -1.29 1.77 -24.85
N TYR C 90 -0.82 2.49 -23.82
CA TYR C 90 0.48 2.20 -23.21
C TYR C 90 0.49 0.81 -22.55
N GLN C 91 -0.46 0.54 -21.67
CA GLN C 91 -0.54 -0.79 -21.03
C GLN C 91 -0.74 -1.81 -22.16
N THR C 92 -1.47 -1.42 -23.19
CA THR C 92 -1.78 -2.34 -24.31
C THR C 92 -0.52 -2.78 -25.02
N ALA C 93 0.35 -1.81 -25.31
CA ALA C 93 1.61 -2.07 -26.00
C ALA C 93 2.51 -3.02 -25.17
N ILE C 94 2.57 -2.80 -23.86
CA ILE C 94 3.29 -3.68 -22.95
C ILE C 94 2.76 -5.13 -23.00
N LEU C 95 1.44 -5.29 -22.91
CA LEU C 95 0.84 -6.62 -23.07
C LEU C 95 1.19 -7.25 -24.41
N ALA C 96 1.17 -6.44 -25.47
CA ALA C 96 1.43 -6.92 -26.83
C ALA C 96 2.79 -7.61 -26.95
N HIS C 97 3.80 -7.04 -26.29
CA HIS C 97 5.15 -7.63 -26.23
C HIS C 97 5.22 -8.92 -25.40
N LEU C 98 4.18 -9.22 -24.63
CA LEU C 98 4.22 -10.34 -23.68
C LEU C 98 3.39 -11.56 -24.05
N VAL C 99 2.34 -11.38 -24.86
CA VAL C 99 1.41 -12.48 -25.13
C VAL C 99 1.17 -12.67 -26.63
N GLN C 100 0.47 -13.74 -26.98
CA GLN C 100 0.15 -14.00 -28.39
C GLN C 100 -0.89 -13.01 -28.91
N HIS C 101 -1.91 -12.72 -28.11
CA HIS C 101 -2.94 -11.78 -28.52
C HIS C 101 -3.61 -11.00 -27.40
N VAL C 102 -3.84 -9.72 -27.66
CA VAL C 102 -4.50 -8.84 -26.72
C VAL C 102 -5.80 -8.30 -27.29
N CYS C 103 -6.90 -8.45 -26.56
CA CYS C 103 -8.12 -7.74 -26.90
C CYS C 103 -8.26 -6.57 -25.95
N SER C 104 -8.63 -5.40 -26.45
CA SER C 104 -8.70 -4.21 -25.61
C SER C 104 -9.95 -3.41 -25.90
N VAL C 105 -10.62 -2.99 -24.85
CA VAL C 105 -11.90 -2.29 -24.96
C VAL C 105 -11.80 -0.88 -24.39
N GLU C 106 -12.34 0.10 -25.11
CA GLU C 106 -12.28 1.49 -24.72
C GLU C 106 -13.62 2.14 -25.05
N ARG C 107 -14.19 2.87 -24.09
CA ARG C 107 -15.51 3.46 -24.31
C ARG C 107 -15.44 4.82 -25.02
N ILE C 108 -14.27 5.43 -25.06
CA ILE C 108 -14.13 6.72 -25.75
C ILE C 108 -13.51 6.53 -27.13
N LYS C 109 -14.29 6.84 -28.17
CA LYS C 109 -13.84 6.62 -29.55
C LYS C 109 -12.53 7.30 -29.93
N GLY C 110 -12.39 8.58 -29.59
CA GLY C 110 -11.20 9.36 -29.92
C GLY C 110 -9.93 8.70 -29.41
N LEU C 111 -9.98 8.21 -28.17
CA LEU C 111 -8.86 7.52 -27.52
C LEU C 111 -8.58 6.18 -28.20
N GLN C 112 -9.64 5.43 -28.47
CA GLN C 112 -9.49 4.15 -29.15
C GLN C 112 -8.80 4.31 -30.51
N TRP C 113 -9.27 5.25 -31.33
CA TRP C 113 -8.70 5.48 -32.66
C TRP C 113 -7.21 5.86 -32.56
N GLN C 114 -6.89 6.78 -31.66
CA GLN C 114 -5.51 7.21 -31.45
C GLN C 114 -4.60 6.11 -30.94
N ALA C 115 -5.11 5.30 -30.02
CA ALA C 115 -4.33 4.18 -29.47
C ALA C 115 -4.02 3.13 -30.53
N ARG C 116 -5.06 2.73 -31.26
CA ARG C 116 -4.91 1.79 -32.35
C ARG C 116 -3.80 2.22 -33.33
N ARG C 117 -3.78 3.50 -33.69
CA ARG C 117 -2.77 4.00 -34.60
C ARG C 117 -1.39 3.96 -33.94
N ARG C 118 -1.32 4.37 -32.67
CA ARG C 118 -0.06 4.31 -31.92
C ARG C 118 0.54 2.92 -31.97
N LEU C 119 -0.31 1.91 -31.76
CA LEU C 119 0.12 0.51 -31.77
C LEU C 119 0.64 0.11 -33.14
N LYS C 120 -0.15 0.41 -34.16
CA LYS C 120 0.24 0.17 -35.56
C LYS C 120 1.60 0.80 -35.89
N ASN C 121 1.84 2.00 -35.39
CA ASN C 121 3.07 2.74 -35.67
C ASN C 121 4.27 2.22 -34.88
N LEU C 122 3.98 1.40 -33.87
CA LEU C 122 5.00 0.72 -33.09
C LEU C 122 5.22 -0.68 -33.64
N ASP C 123 4.47 -0.96 -34.71
CA ASP C 123 4.57 -2.24 -35.41
C ASP C 123 4.02 -3.42 -34.58
N LEU C 124 3.18 -3.10 -33.59
CA LEU C 124 2.49 -4.10 -32.78
C LEU C 124 1.20 -4.51 -33.47
N HIS C 125 1.21 -5.70 -34.06
CA HIS C 125 0.09 -6.14 -34.89
C HIS C 125 -0.81 -7.19 -34.24
N ASN C 126 -0.51 -7.55 -32.99
CA ASN C 126 -1.28 -8.61 -32.31
C ASN C 126 -2.32 -8.08 -31.30
N VAL C 127 -2.88 -6.91 -31.61
CA VAL C 127 -3.88 -6.29 -30.75
C VAL C 127 -5.22 -6.07 -31.47
N SER C 128 -6.31 -6.51 -30.86
CA SER C 128 -7.65 -6.19 -31.35
C SER C 128 -8.29 -5.17 -30.43
N THR C 129 -8.71 -4.03 -30.99
CA THR C 129 -9.39 -3.00 -30.20
C THR C 129 -10.89 -2.94 -30.51
N ARG C 130 -11.67 -2.60 -29.49
CA ARG C 130 -13.13 -2.50 -29.60
C ARG C 130 -13.56 -1.20 -28.94
N HIS C 131 -14.52 -0.51 -29.56
CA HIS C 131 -15.16 0.64 -28.96
C HIS C 131 -16.38 0.07 -28.24
N GLY C 132 -16.33 0.04 -26.92
CA GLY C 132 -17.39 -0.60 -26.14
C GLY C 132 -17.31 -0.33 -24.66
N ASP C 133 -18.26 -0.90 -23.93
CA ASP C 133 -18.35 -0.72 -22.49
C ASP C 133 -17.76 -1.95 -21.82
N GLY C 134 -16.65 -1.76 -21.11
CA GLY C 134 -15.93 -2.85 -20.51
C GLY C 134 -16.63 -3.57 -19.36
N TRP C 135 -17.66 -2.95 -18.78
CA TRP C 135 -18.52 -3.64 -17.80
C TRP C 135 -19.01 -4.98 -18.38
N GLN C 136 -19.12 -5.05 -19.70
CA GLN C 136 -19.61 -6.24 -20.39
C GLN C 136 -18.46 -7.10 -20.94
N GLY C 137 -17.22 -6.75 -20.61
CA GLY C 137 -16.06 -7.47 -21.13
C GLY C 137 -16.06 -7.49 -22.65
N TRP C 138 -15.73 -8.64 -23.23
CA TRP C 138 -15.86 -8.82 -24.68
C TRP C 138 -16.26 -10.27 -24.95
N GLN C 139 -17.54 -10.54 -24.76
CA GLN C 139 -18.06 -11.92 -24.81
C GLN C 139 -17.66 -12.65 -26.09
N ALA C 140 -17.75 -11.94 -27.21
CA ALA C 140 -17.45 -12.50 -28.52
C ALA C 140 -16.06 -13.13 -28.61
N ARG C 141 -15.09 -12.58 -27.87
CA ARG C 141 -13.72 -13.06 -27.92
C ARG C 141 -13.32 -13.84 -26.66
N ALA C 142 -14.28 -14.08 -25.78
CA ALA C 142 -14.08 -14.80 -24.52
C ALA C 142 -14.04 -16.32 -24.74
N PRO C 143 -13.46 -17.10 -23.78
CA PRO C 143 -12.92 -16.69 -22.48
C PRO C 143 -11.44 -16.35 -22.55
N PHE C 144 -10.94 -15.74 -21.48
CA PHE C 144 -9.56 -15.25 -21.43
C PHE C 144 -8.79 -15.87 -20.26
N ASP C 145 -7.48 -15.97 -20.41
CA ASP C 145 -6.59 -16.42 -19.34
C ASP C 145 -6.29 -15.30 -18.35
N ALA C 146 -6.31 -14.08 -18.84
CA ALA C 146 -6.01 -12.92 -18.02
C ALA C 146 -6.85 -11.76 -18.48
N ILE C 147 -7.44 -11.07 -17.52
CA ILE C 147 -8.18 -9.86 -17.79
C ILE C 147 -7.58 -8.77 -16.92
N ILE C 148 -7.24 -7.62 -17.50
CA ILE C 148 -6.72 -6.50 -16.71
CA ILE C 148 -6.69 -6.50 -16.74
C ILE C 148 -7.56 -5.28 -16.97
N VAL C 149 -7.96 -4.60 -15.91
CA VAL C 149 -8.87 -3.48 -16.01
C VAL C 149 -8.13 -2.25 -15.50
N THR C 150 -8.10 -1.19 -16.30
CA THR C 150 -7.28 0.00 -15.96
C THR C 150 -8.13 1.20 -15.58
N ALA C 151 -9.38 0.93 -15.23
CA ALA C 151 -10.31 1.90 -14.69
C ALA C 151 -11.01 1.22 -13.52
N ALA C 152 -11.44 2.00 -12.52
CA ALA C 152 -12.03 1.41 -11.30
C ALA C 152 -13.54 1.46 -11.21
N PRO C 153 -14.18 0.26 -11.23
CA PRO C 153 -15.59 0.17 -10.90
C PRO C 153 -15.76 0.04 -9.37
N PRO C 154 -16.95 0.34 -8.84
CA PRO C 154 -17.14 0.26 -7.38
C PRO C 154 -17.31 -1.18 -6.88
N GLU C 155 -17.61 -2.09 -7.81
CA GLU C 155 -17.70 -3.51 -7.55
C GLU C 155 -17.12 -4.28 -8.75
N ILE C 156 -17.05 -5.60 -8.65
CA ILE C 156 -16.43 -6.38 -9.71
C ILE C 156 -17.50 -6.74 -10.76
N PRO C 157 -17.32 -6.27 -12.01
CA PRO C 157 -18.32 -6.52 -13.04
C PRO C 157 -18.44 -8.03 -13.26
N THR C 158 -19.66 -8.53 -13.24
CA THR C 158 -19.86 -9.98 -13.25
C THR C 158 -19.33 -10.61 -14.54
N ALA C 159 -19.49 -9.86 -15.64
CA ALA C 159 -19.07 -10.30 -16.96
C ALA C 159 -17.60 -10.65 -16.98
N LEU C 160 -16.83 -9.92 -16.19
CA LEU C 160 -15.38 -10.12 -16.18
C LEU C 160 -14.95 -11.35 -15.38
N MET C 161 -15.83 -11.83 -14.51
CA MET C 161 -15.55 -13.10 -13.87
C MET C 161 -15.98 -14.26 -14.75
N THR C 162 -17.20 -14.16 -15.27
CA THR C 162 -17.73 -15.14 -16.22
C THR C 162 -16.82 -15.40 -17.41
N GLN C 163 -16.17 -14.37 -17.93
CA GLN C 163 -15.38 -14.53 -19.15
C GLN C 163 -13.97 -15.05 -18.86
N LEU C 164 -13.72 -15.40 -17.59
CA LEU C 164 -12.47 -15.99 -17.17
C LEU C 164 -12.48 -17.48 -17.52
N ASP C 165 -11.42 -17.95 -18.19
CA ASP C 165 -11.24 -19.37 -18.44
C ASP C 165 -10.76 -20.05 -17.15
N GLU C 166 -10.74 -21.38 -17.17
CA GLU C 166 -10.19 -22.18 -16.09
C GLU C 166 -8.78 -21.73 -15.72
N GLY C 167 -8.59 -21.41 -14.44
CA GLY C 167 -7.28 -20.97 -13.96
C GLY C 167 -6.98 -19.51 -14.28
N GLY C 168 -7.96 -18.80 -14.84
CA GLY C 168 -7.78 -17.42 -15.27
C GLY C 168 -7.63 -16.46 -14.10
N ILE C 169 -7.04 -15.31 -14.37
CA ILE C 169 -6.83 -14.26 -13.37
C ILE C 169 -7.31 -12.93 -13.88
N LEU C 170 -8.15 -12.28 -13.07
CA LEU C 170 -8.64 -10.95 -13.34
C LEU C 170 -7.92 -10.04 -12.36
N VAL C 171 -7.37 -8.94 -12.87
CA VAL C 171 -6.75 -7.89 -12.06
C VAL C 171 -7.42 -6.55 -12.34
N LEU C 172 -7.98 -5.95 -11.30
CA LEU C 172 -8.67 -4.67 -11.43
C LEU C 172 -8.60 -3.86 -10.14
N PRO C 173 -8.65 -2.53 -10.26
CA PRO C 173 -8.85 -1.68 -9.09
C PRO C 173 -10.35 -1.63 -8.78
N VAL C 174 -10.67 -1.69 -7.49
CA VAL C 174 -12.07 -1.66 -7.06
C VAL C 174 -12.29 -0.62 -5.98
N GLY C 175 -13.37 0.14 -6.14
CA GLY C 175 -13.78 1.13 -5.17
C GLY C 175 -13.81 2.51 -5.79
N GLU C 176 -14.20 3.51 -5.00
CA GLU C 176 -14.18 4.89 -5.46
C GLU C 176 -13.32 5.68 -4.50
N GLU C 177 -13.84 5.79 -3.27
CA GLU C 177 -13.23 6.53 -2.17
C GLU C 177 -11.81 6.00 -1.90
N HIS C 178 -11.75 4.76 -1.39
CA HIS C 178 -10.47 4.07 -1.23
C HIS C 178 -10.44 2.90 -2.20
N GLN C 179 -9.42 2.91 -3.07
CA GLN C 179 -9.30 1.90 -4.12
C GLN C 179 -8.18 0.94 -3.81
N TYR C 180 -8.46 -0.34 -4.04
CA TYR C 180 -7.44 -1.36 -3.88
C TYR C 180 -7.36 -2.15 -5.16
N LEU C 181 -6.14 -2.47 -5.58
CA LEU C 181 -5.94 -3.41 -6.67
C LEU C 181 -6.29 -4.80 -6.18
N LYS C 182 -7.28 -5.42 -6.83
CA LYS C 182 -7.72 -6.76 -6.45
C LYS C 182 -7.39 -7.75 -7.53
N ARG C 183 -7.08 -8.96 -7.12
CA ARG C 183 -6.83 -10.08 -8.00
C ARG C 183 -7.95 -11.09 -7.80
N VAL C 184 -8.51 -11.58 -8.89
CA VAL C 184 -9.51 -12.63 -8.76
C VAL C 184 -9.13 -13.80 -9.62
N ARG C 185 -9.13 -14.97 -8.99
CA ARG C 185 -8.66 -16.18 -9.62
C ARG C 185 -9.82 -17.15 -9.73
N ARG C 186 -9.94 -17.77 -10.89
CA ARG C 186 -10.96 -18.80 -11.10
C ARG C 186 -10.31 -20.16 -10.84
N ARG C 187 -10.87 -20.91 -9.91
CA ARG C 187 -10.35 -22.22 -9.53
C ARG C 187 -11.53 -23.18 -9.59
N GLY C 188 -11.74 -23.78 -10.76
CA GLY C 188 -12.88 -24.65 -11.00
C GLY C 188 -14.16 -23.84 -11.11
N GLY C 189 -15.08 -24.10 -10.20
CA GLY C 189 -16.36 -23.39 -10.17
C GLY C 189 -16.38 -22.19 -9.24
N GLU C 190 -15.28 -21.97 -8.52
CA GLU C 190 -15.21 -20.83 -7.60
C GLU C 190 -14.24 -19.73 -8.03
N PHE C 191 -14.45 -18.56 -7.46
CA PHE C 191 -13.61 -17.40 -7.68
C PHE C 191 -13.08 -17.00 -6.32
N ILE C 192 -11.79 -16.69 -6.29
CA ILE C 192 -11.13 -16.23 -5.08
C ILE C 192 -10.61 -14.80 -5.28
N ILE C 193 -11.10 -13.88 -4.46
CA ILE C 193 -10.69 -12.50 -4.50
C ILE C 193 -9.65 -12.23 -3.41
N ASP C 194 -8.54 -11.59 -3.75
CA ASP C 194 -7.63 -11.08 -2.72
C ASP C 194 -7.16 -9.67 -3.02
N THR C 195 -6.62 -9.00 -2.00
CA THR C 195 -6.27 -7.60 -2.11
C THR C 195 -4.76 -7.40 -2.16
N VAL C 196 -4.31 -6.62 -3.13
CA VAL C 196 -2.88 -6.49 -3.38
C VAL C 196 -2.31 -5.25 -2.70
N GLU C 197 -2.68 -4.06 -3.19
CA GLU C 197 -2.20 -2.80 -2.61
C GLU C 197 -3.17 -1.66 -2.91
N ALA C 198 -3.02 -0.54 -2.19
CA ALA C 198 -3.85 0.64 -2.43
C ALA C 198 -3.49 1.27 -3.78
N VAL C 199 -4.48 1.82 -4.47
CA VAL C 199 -4.29 2.36 -5.83
C VAL C 199 -5.20 3.54 -6.12
N ARG C 200 -4.91 4.26 -7.21
CA ARG C 200 -5.77 5.37 -7.67
C ARG C 200 -5.91 5.45 -9.19
N PHE C 201 -7.12 5.13 -9.67
CA PHE C 201 -7.45 5.06 -11.10
C PHE C 201 -8.73 5.82 -11.40
N VAL C 202 -8.92 6.19 -12.67
CA VAL C 202 -10.17 6.86 -13.09
C VAL C 202 -11.31 5.84 -13.04
N PRO C 203 -12.58 6.31 -12.99
CA PRO C 203 -13.74 5.41 -12.89
C PRO C 203 -13.98 4.58 -14.13
N LEU C 204 -14.55 3.39 -13.93
CA LEU C 204 -15.05 2.55 -15.03
C LEU C 204 -16.50 2.94 -15.28
N VAL C 205 -16.74 3.74 -16.32
CA VAL C 205 -18.05 4.35 -16.54
C VAL C 205 -19.01 3.37 -17.19
N LYS C 206 -20.18 3.19 -16.60
CA LYS C 206 -21.15 2.28 -17.20
C LYS C 206 -22.06 3.03 -18.18
N GLY C 207 -22.49 2.30 -19.20
CA GLY C 207 -23.58 2.75 -20.06
C GLY C 207 -23.10 3.35 -21.38
N GLU C 208 -23.75 4.44 -21.78
CA GLU C 208 -23.52 5.08 -23.08
C GLU C 208 -22.04 5.31 -23.37
N LEU C 209 -21.66 5.05 -24.60
CA LEU C 209 -20.26 5.23 -25.01
C LEU C 209 -20.03 6.69 -25.34
N ALA C 210 -18.76 7.04 -25.58
CA ALA C 210 -18.39 8.38 -25.95
C ALA C 210 -17.36 8.38 -27.07
N SER D 5 -48.15 -28.44 13.03
CA SER D 5 -49.52 -28.97 13.04
C SER D 5 -50.30 -28.83 11.75
N ARG D 6 -50.86 -29.89 11.18
CA ARG D 6 -51.70 -29.60 10.07
C ARG D 6 -50.95 -28.93 8.94
N ARG D 7 -51.38 -27.74 8.54
CA ARG D 7 -50.79 -27.14 7.37
C ARG D 7 -49.30 -26.85 7.51
N VAL D 8 -48.87 -26.36 8.66
CA VAL D 8 -47.48 -26.02 8.92
C VAL D 8 -46.62 -27.23 8.85
N GLN D 9 -47.11 -28.33 9.37
CA GLN D 9 -46.43 -29.62 9.28
C GLN D 9 -46.32 -30.04 7.83
N ALA D 10 -47.32 -29.79 7.02
CA ALA D 10 -47.25 -30.11 5.59
C ALA D 10 -46.03 -29.54 4.87
N LEU D 11 -45.83 -28.26 5.06
CA LEU D 11 -44.72 -27.55 4.41
C LEU D 11 -43.38 -28.13 4.87
N LEU D 12 -43.25 -28.32 6.18
CA LEU D 12 -41.99 -28.77 6.78
C LEU D 12 -41.51 -30.13 6.27
N ASP D 13 -42.42 -31.10 6.20
CA ASP D 13 -42.12 -32.41 5.59
C ASP D 13 -41.69 -32.26 4.14
N GLN D 14 -42.28 -31.28 3.43
CA GLN D 14 -41.90 -30.98 2.06
C GLN D 14 -40.47 -30.46 1.95
N LEU D 15 -40.06 -29.57 2.85
CA LEU D 15 -38.69 -29.05 2.82
C LEU D 15 -37.61 -30.11 3.08
N ARG D 16 -37.85 -30.96 4.07
CA ARG D 16 -36.93 -32.06 4.37
C ARG D 16 -36.67 -32.92 3.15
N ALA D 17 -37.74 -33.20 2.39
CA ALA D 17 -37.62 -34.04 1.20
C ALA D 17 -36.67 -33.42 0.19
N GLN D 18 -36.74 -32.10 0.04
CA GLN D 18 -35.91 -31.37 -0.91
C GLN D 18 -34.46 -31.26 -0.47
N GLY D 19 -34.18 -31.70 0.75
CA GLY D 19 -32.83 -31.71 1.27
C GLY D 19 -32.56 -30.61 2.27
N ILE D 20 -33.60 -29.99 2.82
CA ILE D 20 -33.37 -29.06 3.93
C ILE D 20 -33.07 -29.88 5.18
N GLN D 21 -31.86 -29.71 5.70
CA GLN D 21 -31.42 -30.55 6.81
C GLN D 21 -31.30 -29.83 8.15
N ASP D 22 -31.39 -28.52 8.13
CA ASP D 22 -31.25 -27.75 9.36
C ASP D 22 -32.61 -27.65 10.04
N GLU D 23 -32.79 -28.46 11.07
CA GLU D 23 -34.08 -28.55 11.74
C GLU D 23 -34.38 -27.32 12.60
N GLN D 24 -33.33 -26.59 12.98
CA GLN D 24 -33.48 -25.30 13.65
C GLN D 24 -34.14 -24.30 12.69
N VAL D 25 -33.67 -24.28 11.44
CA VAL D 25 -34.26 -23.44 10.40
C VAL D 25 -35.71 -23.86 10.18
N LEU D 26 -35.92 -25.16 10.07
CA LEU D 26 -37.28 -25.72 9.84
C LEU D 26 -38.24 -25.33 10.96
N ASN D 27 -37.73 -25.36 12.20
CA ASN D 27 -38.48 -24.94 13.40
C ASN D 27 -38.86 -23.48 13.38
N ALA D 28 -37.93 -22.65 12.95
CA ALA D 28 -38.14 -21.21 12.86
C ALA D 28 -39.21 -20.91 11.83
N LEU D 29 -39.22 -21.69 10.74
CA LEU D 29 -40.22 -21.56 9.68
C LEU D 29 -41.62 -21.91 10.19
N ALA D 30 -41.68 -22.85 11.13
CA ALA D 30 -42.96 -23.21 11.79
C ALA D 30 -43.41 -22.11 12.74
N ALA D 31 -42.44 -21.44 13.37
CA ALA D 31 -42.70 -20.34 14.29
C ALA D 31 -43.31 -19.11 13.58
N VAL D 32 -43.20 -19.09 12.26
CA VAL D 32 -43.62 -17.93 11.47
C VAL D 32 -44.81 -18.26 10.56
N PRO D 33 -45.99 -17.65 10.87
CA PRO D 33 -47.21 -17.87 10.08
C PRO D 33 -47.16 -17.08 8.77
N ARG D 34 -46.94 -17.80 7.67
CA ARG D 34 -46.72 -17.17 6.37
C ARG D 34 -47.94 -16.35 5.89
N GLU D 35 -49.12 -16.76 6.37
CA GLU D 35 -50.39 -16.06 6.10
C GLU D 35 -50.38 -14.58 6.54
N LYS D 36 -49.61 -14.27 7.57
CA LYS D 36 -49.45 -12.89 8.02
C LYS D 36 -48.54 -12.07 7.10
N PHE D 37 -47.90 -12.74 6.14
CA PHE D 37 -46.94 -12.11 5.23
C PHE D 37 -47.36 -12.25 3.77
N ALA D 46 -46.77 -22.48 6.75
CA ALA D 46 -48.22 -22.53 6.88
C ALA D 46 -48.93 -22.53 5.52
N TRP D 47 -48.15 -22.47 4.45
CA TRP D 47 -48.66 -22.23 3.10
C TRP D 47 -47.88 -23.09 2.07
N ASP D 48 -48.31 -23.05 0.81
CA ASP D 48 -47.71 -23.87 -0.24
C ASP D 48 -46.27 -23.47 -0.60
N ASN D 49 -45.57 -24.37 -1.30
CA ASN D 49 -44.15 -24.17 -1.61
C ASN D 49 -43.89 -23.51 -2.97
N ILE D 50 -44.33 -22.25 -3.08
CA ILE D 50 -44.06 -21.43 -4.26
C ILE D 50 -43.84 -19.99 -3.85
N ALA D 51 -43.14 -19.23 -4.69
CA ALA D 51 -42.94 -17.81 -4.47
C ALA D 51 -44.24 -17.08 -4.79
N LEU D 52 -44.56 -16.06 -4.00
CA LEU D 52 -45.82 -15.34 -4.21
C LEU D 52 -45.62 -13.82 -4.20
N PRO D 53 -46.31 -13.13 -5.13
CA PRO D 53 -46.26 -11.68 -5.33
C PRO D 53 -46.98 -10.93 -4.19
N GLN D 56 -46.34 -4.13 -3.41
CA GLN D 56 -45.80 -3.26 -4.46
C GLN D 56 -45.18 -4.12 -5.59
N GLY D 57 -43.88 -3.96 -5.84
CA GLY D 57 -43.23 -4.75 -6.90
C GLY D 57 -42.81 -6.17 -6.42
N GLN D 58 -42.76 -6.31 -5.09
CA GLN D 58 -42.07 -7.45 -4.43
C GLN D 58 -42.82 -8.78 -4.41
N THR D 59 -42.05 -9.85 -4.24
CA THR D 59 -42.58 -11.21 -4.12
C THR D 59 -41.86 -11.96 -3.00
N ILE D 60 -42.62 -12.53 -2.06
CA ILE D 60 -42.05 -13.36 -0.99
C ILE D 60 -41.45 -14.62 -1.62
N SER D 61 -40.23 -14.95 -1.21
CA SER D 61 -39.51 -16.11 -1.74
CA SER D 61 -39.53 -16.10 -1.76
C SER D 61 -40.21 -17.39 -1.27
N GLN D 62 -40.25 -18.39 -2.15
CA GLN D 62 -40.83 -19.68 -1.81
C GLN D 62 -40.13 -20.25 -0.58
N PRO D 63 -40.89 -20.95 0.28
CA PRO D 63 -40.38 -21.48 1.55
C PRO D 63 -39.08 -22.23 1.40
N TYR D 64 -38.93 -23.01 0.33
CA TYR D 64 -37.69 -23.76 0.10
C TYR D 64 -36.49 -22.84 -0.05
N MET D 65 -36.67 -21.76 -0.81
CA MET D 65 -35.58 -20.84 -1.07
C MET D 65 -35.18 -20.13 0.22
N VAL D 66 -36.18 -19.69 0.98
CA VAL D 66 -35.95 -19.08 2.30
C VAL D 66 -35.22 -20.07 3.21
N ALA D 67 -35.70 -21.32 3.23
CA ALA D 67 -35.07 -22.37 4.04
C ALA D 67 -33.62 -22.60 3.64
N ARG D 68 -33.41 -22.76 2.34
CA ARG D 68 -32.08 -23.01 1.79
C ARG D 68 -31.11 -21.86 2.05
N MET D 69 -31.56 -20.63 1.80
CA MET D 69 -30.68 -19.47 2.01
C MET D 69 -30.33 -19.33 3.48
N THR D 70 -31.32 -19.53 4.34
CA THR D 70 -31.10 -19.43 5.77
C THR D 70 -30.16 -20.53 6.24
N GLU D 71 -30.34 -21.72 5.68
CA GLU D 71 -29.46 -22.85 5.98
C GLU D 71 -28.01 -22.58 5.60
N LEU D 72 -27.78 -21.94 4.46
CA LEU D 72 -26.43 -21.66 3.98
C LEU D 72 -25.68 -20.67 4.89
N LEU D 73 -26.43 -19.87 5.65
CA LEU D 73 -25.83 -18.94 6.64
C LEU D 73 -25.19 -19.63 7.84
N GLU D 74 -25.54 -20.90 8.07
CA GLU D 74 -24.99 -21.71 9.16
C GLU D 74 -25.08 -20.95 10.48
N LEU D 75 -26.29 -20.56 10.82
CA LEU D 75 -26.54 -19.72 11.98
C LEU D 75 -26.41 -20.45 13.31
N THR D 76 -25.87 -19.76 14.31
CA THR D 76 -26.01 -20.17 15.70
C THR D 76 -26.60 -18.97 16.45
N PRO D 77 -27.07 -19.16 17.71
CA PRO D 77 -27.76 -18.02 18.37
C PRO D 77 -26.89 -16.77 18.44
N GLN D 78 -25.59 -16.95 18.57
CA GLN D 78 -24.63 -15.84 18.66
C GLN D 78 -24.29 -15.15 17.33
N SER D 79 -24.72 -15.72 16.20
CA SER D 79 -24.39 -15.14 14.90
C SER D 79 -24.88 -13.70 14.77
N ARG D 80 -23.99 -12.83 14.32
CA ARG D 80 -24.37 -11.45 14.02
C ARG D 80 -24.87 -11.41 12.59
N VAL D 81 -26.14 -11.09 12.42
CA VAL D 81 -26.79 -11.19 11.11
C VAL D 81 -27.18 -9.81 10.55
N LEU D 82 -26.91 -9.62 9.26
CA LEU D 82 -27.43 -8.51 8.50
C LEU D 82 -28.30 -9.05 7.38
N GLU D 83 -29.57 -8.68 7.39
CA GLU D 83 -30.46 -9.03 6.28
C GLU D 83 -30.65 -7.81 5.36
N ILE D 84 -30.38 -7.96 4.07
CA ILE D 84 -30.69 -6.92 3.10
C ILE D 84 -32.03 -7.23 2.42
N GLY D 85 -33.00 -6.34 2.58
CA GLY D 85 -34.31 -6.48 1.93
C GLY D 85 -35.39 -7.03 2.84
N THR D 86 -35.77 -6.24 3.84
CA THR D 86 -36.81 -6.61 4.79
C THR D 86 -38.10 -7.09 4.09
N GLY D 87 -38.51 -6.37 3.06
CA GLY D 87 -39.74 -6.69 2.34
C GLY D 87 -40.91 -6.80 3.31
N SER D 88 -41.63 -7.92 3.21
CA SER D 88 -42.73 -8.25 4.12
C SER D 88 -42.27 -8.46 5.58
N GLY D 89 -40.99 -8.82 5.76
CA GLY D 89 -40.42 -9.11 7.07
C GLY D 89 -40.49 -10.59 7.41
N TYR D 90 -40.86 -11.40 6.43
CA TYR D 90 -40.99 -12.84 6.60
C TYR D 90 -39.65 -13.49 6.91
N GLN D 91 -38.68 -13.30 6.02
CA GLN D 91 -37.32 -13.79 6.24
C GLN D 91 -36.76 -13.19 7.53
N THR D 92 -37.00 -11.89 7.72
CA THR D 92 -36.59 -11.18 8.93
C THR D 92 -37.05 -11.94 10.18
N ALA D 93 -38.29 -12.43 10.14
CA ALA D 93 -38.92 -13.16 11.25
C ALA D 93 -38.27 -14.52 11.51
N ILE D 94 -37.94 -15.23 10.44
CA ILE D 94 -37.26 -16.53 10.54
C ILE D 94 -35.92 -16.35 11.25
N LEU D 95 -35.18 -15.33 10.81
CA LEU D 95 -33.87 -15.02 11.39
C LEU D 95 -33.99 -14.60 12.86
N ALA D 96 -35.12 -14.01 13.23
CA ALA D 96 -35.35 -13.54 14.60
C ALA D 96 -35.49 -14.71 15.58
N HIS D 97 -36.01 -15.83 15.08
CA HIS D 97 -36.13 -17.05 15.87
C HIS D 97 -34.84 -17.84 16.00
N LEU D 98 -33.83 -17.49 15.20
CA LEU D 98 -32.60 -18.29 15.13
C LEU D 98 -31.41 -17.60 15.78
N VAL D 99 -31.43 -16.29 15.84
CA VAL D 99 -30.28 -15.54 16.37
C VAL D 99 -30.78 -14.59 17.45
N GLN D 100 -29.84 -14.07 18.25
CA GLN D 100 -30.20 -13.15 19.34
C GLN D 100 -30.44 -11.72 18.84
N HIS D 101 -29.68 -11.31 17.83
CA HIS D 101 -29.86 -10.00 17.20
C HIS D 101 -29.76 -10.04 15.69
N VAL D 102 -30.77 -9.48 15.04
CA VAL D 102 -30.77 -9.33 13.60
C VAL D 102 -30.96 -7.87 13.18
N CYS D 103 -30.05 -7.42 12.31
CA CYS D 103 -30.16 -6.13 11.64
C CYS D 103 -30.74 -6.31 10.24
N SER D 104 -31.68 -5.43 9.87
CA SER D 104 -32.32 -5.52 8.57
C SER D 104 -32.33 -4.17 7.85
N VAL D 105 -32.23 -4.20 6.53
CA VAL D 105 -32.22 -3.00 5.70
C VAL D 105 -33.29 -3.09 4.63
N GLU D 106 -34.05 -2.01 4.46
CA GLU D 106 -35.08 -1.92 3.41
C GLU D 106 -35.04 -0.52 2.79
N ARG D 107 -35.11 -0.47 1.46
CA ARG D 107 -35.06 0.81 0.75
C ARG D 107 -36.42 1.49 0.62
N ILE D 108 -37.50 0.76 0.89
CA ILE D 108 -38.85 1.35 0.88
C ILE D 108 -39.41 1.44 2.30
N LYS D 109 -39.66 2.68 2.76
CA LYS D 109 -40.18 2.93 4.11
C LYS D 109 -41.52 2.25 4.38
N GLY D 110 -42.38 2.20 3.35
CA GLY D 110 -43.70 1.57 3.45
C GLY D 110 -43.66 0.07 3.77
N LEU D 111 -42.82 -0.66 3.04
CA LEU D 111 -42.66 -2.11 3.25
C LEU D 111 -42.19 -2.42 4.67
N GLN D 112 -41.20 -1.65 5.13
CA GLN D 112 -40.66 -1.83 6.48
C GLN D 112 -41.66 -1.56 7.58
N TRP D 113 -42.39 -0.44 7.46
CA TRP D 113 -43.43 -0.09 8.44
C TRP D 113 -44.41 -1.24 8.57
N GLN D 114 -44.80 -1.81 7.43
CA GLN D 114 -45.63 -3.02 7.40
C GLN D 114 -44.91 -4.21 8.07
N ALA D 115 -43.59 -4.30 7.84
CA ALA D 115 -42.79 -5.39 8.43
C ALA D 115 -42.52 -5.19 9.93
N ARG D 116 -42.17 -3.97 10.32
CA ARG D 116 -41.93 -3.61 11.73
C ARG D 116 -43.17 -3.84 12.58
N ARG D 117 -44.34 -3.49 12.04
CA ARG D 117 -45.61 -3.74 12.72
C ARG D 117 -46.02 -5.21 12.57
N ARG D 118 -45.55 -5.84 11.50
CA ARG D 118 -45.78 -7.27 11.26
C ARG D 118 -44.98 -8.14 12.24
N LEU D 119 -43.83 -7.62 12.71
CA LEU D 119 -43.01 -8.31 13.71
C LEU D 119 -43.59 -8.16 15.10
N LYS D 120 -44.21 -7.00 15.35
CA LYS D 120 -44.89 -6.71 16.61
C LYS D 120 -46.07 -7.66 16.85
N ASN D 121 -46.85 -7.91 15.79
CA ASN D 121 -47.98 -8.84 15.85
C ASN D 121 -47.53 -10.29 16.10
N LEU D 122 -46.34 -10.64 15.58
CA LEU D 122 -45.71 -11.92 15.87
C LEU D 122 -44.86 -11.90 17.15
N ASP D 123 -44.83 -10.75 17.82
CA ASP D 123 -44.14 -10.56 19.10
C ASP D 123 -42.63 -10.93 19.05
N LEU D 124 -41.90 -10.21 18.21
CA LEU D 124 -40.44 -10.31 18.13
C LEU D 124 -39.86 -8.90 18.23
N HIS D 125 -38.88 -8.72 19.12
CA HIS D 125 -38.32 -7.39 19.36
C HIS D 125 -36.78 -7.33 19.30
N ASN D 126 -36.14 -8.34 18.70
CA ASN D 126 -34.68 -8.35 18.57
C ASN D 126 -34.13 -7.92 17.19
N VAL D 127 -34.95 -7.14 16.48
CA VAL D 127 -34.66 -6.73 15.12
C VAL D 127 -34.35 -5.23 15.02
N SER D 128 -33.11 -4.90 14.65
CA SER D 128 -32.76 -3.51 14.33
C SER D 128 -32.93 -3.27 12.84
N THR D 129 -33.87 -2.37 12.50
CA THR D 129 -34.14 -2.05 11.10
C THR D 129 -33.51 -0.72 10.70
N ARG D 130 -33.21 -0.58 9.41
CA ARG D 130 -32.68 0.65 8.84
C ARG D 130 -33.34 0.85 7.48
N HIS D 131 -34.08 1.97 7.36
CA HIS D 131 -34.58 2.37 6.03
C HIS D 131 -33.36 2.87 5.27
N GLY D 132 -32.95 2.12 4.26
CA GLY D 132 -31.67 2.43 3.58
C GLY D 132 -31.44 1.59 2.32
N ASP D 133 -30.31 1.85 1.69
CA ASP D 133 -29.88 1.17 0.48
C ASP D 133 -28.88 0.09 0.87
N GLY D 134 -29.29 -1.17 0.69
CA GLY D 134 -28.51 -2.33 1.12
C GLY D 134 -27.15 -2.48 0.45
N TRP D 135 -26.94 -1.79 -0.68
CA TRP D 135 -25.66 -1.86 -1.38
C TRP D 135 -24.59 -1.33 -0.44
N GLN D 136 -25.02 -0.58 0.57
CA GLN D 136 -24.09 0.05 1.51
C GLN D 136 -23.86 -0.82 2.73
N GLY D 137 -24.65 -1.88 2.83
CA GLY D 137 -24.71 -2.71 4.03
C GLY D 137 -25.24 -1.90 5.20
N TRP D 138 -24.57 -2.04 6.34
CA TRP D 138 -24.86 -1.24 7.53
C TRP D 138 -23.57 -1.14 8.32
N GLN D 139 -22.65 -0.30 7.86
CA GLN D 139 -21.28 -0.26 8.36
C GLN D 139 -21.18 0.07 9.84
N ALA D 140 -22.14 0.85 10.35
CA ALA D 140 -22.19 1.21 11.76
C ALA D 140 -22.29 -0.02 12.66
N ARG D 141 -22.91 -1.09 12.13
CA ARG D 141 -23.18 -2.30 12.91
C ARG D 141 -22.34 -3.53 12.52
N ALA D 142 -21.39 -3.33 11.60
CA ALA D 142 -20.51 -4.40 11.15
C ALA D 142 -19.38 -4.63 12.17
N PRO D 143 -18.63 -5.75 12.04
CA PRO D 143 -18.81 -6.82 11.05
C PRO D 143 -19.88 -7.83 11.40
N PHE D 144 -20.21 -8.68 10.43
CA PHE D 144 -21.26 -9.66 10.54
C PHE D 144 -20.74 -11.04 10.26
N ASP D 145 -21.27 -12.02 10.99
CA ASP D 145 -21.01 -13.43 10.72
C ASP D 145 -21.83 -13.91 9.56
N ALA D 146 -22.96 -13.28 9.32
CA ALA D 146 -23.85 -13.75 8.28
C ALA D 146 -24.57 -12.58 7.62
N ILE D 147 -24.56 -12.52 6.29
CA ILE D 147 -25.30 -11.51 5.56
C ILE D 147 -26.15 -12.23 4.55
N ILE D 148 -27.43 -11.90 4.50
CA ILE D 148 -28.34 -12.51 3.53
C ILE D 148 -29.09 -11.42 2.77
N VAL D 149 -29.13 -11.55 1.46
CA VAL D 149 -29.68 -10.52 0.60
C VAL D 149 -30.82 -11.17 -0.13
N THR D 150 -32.00 -10.58 -0.02
CA THR D 150 -33.19 -11.19 -0.60
C THR D 150 -33.62 -10.60 -1.94
N ALA D 151 -32.75 -9.79 -2.54
CA ALA D 151 -32.97 -9.22 -3.86
C ALA D 151 -31.64 -9.36 -4.62
N ALA D 152 -31.71 -9.40 -5.95
CA ALA D 152 -30.50 -9.66 -6.73
C ALA D 152 -29.87 -8.41 -7.34
N PRO D 153 -28.67 -8.04 -6.87
CA PRO D 153 -27.92 -7.04 -7.61
C PRO D 153 -27.24 -7.71 -8.79
N PRO D 154 -26.82 -6.94 -9.79
CA PRO D 154 -26.10 -7.47 -10.96
C PRO D 154 -24.64 -7.86 -10.63
N GLU D 155 -24.09 -7.24 -9.58
CA GLU D 155 -22.74 -7.54 -9.07
C GLU D 155 -22.85 -7.75 -7.56
N ILE D 156 -21.77 -8.25 -6.96
CA ILE D 156 -21.77 -8.42 -5.52
C ILE D 156 -21.34 -7.08 -4.92
N PRO D 157 -22.23 -6.46 -4.12
CA PRO D 157 -21.88 -5.20 -3.45
C PRO D 157 -20.61 -5.31 -2.62
N THR D 158 -19.68 -4.40 -2.86
CA THR D 158 -18.38 -4.44 -2.17
C THR D 158 -18.50 -4.29 -0.66
N ALA D 159 -19.42 -3.44 -0.21
CA ALA D 159 -19.61 -3.19 1.21
C ALA D 159 -19.98 -4.50 1.89
N LEU D 160 -20.78 -5.31 1.21
CA LEU D 160 -21.25 -6.57 1.77
C LEU D 160 -20.19 -7.65 1.94
N MET D 161 -19.06 -7.55 1.21
CA MET D 161 -17.89 -8.39 1.53
C MET D 161 -17.05 -7.77 2.64
N THR D 162 -16.83 -6.47 2.52
CA THR D 162 -15.98 -5.73 3.46
C THR D 162 -16.51 -5.87 4.88
N GLN D 163 -17.84 -5.95 5.00
CA GLN D 163 -18.47 -5.99 6.32
C GLN D 163 -18.60 -7.40 6.90
N LEU D 164 -18.11 -8.41 6.19
CA LEU D 164 -18.03 -9.74 6.78
C LEU D 164 -16.87 -9.83 7.76
N ASP D 165 -17.11 -10.48 8.90
CA ASP D 165 -16.03 -10.78 9.84
C ASP D 165 -15.25 -11.98 9.34
N GLU D 166 -14.13 -12.26 10.00
CA GLU D 166 -13.38 -13.48 9.68
C GLU D 166 -14.33 -14.67 9.75
N GLY D 167 -14.36 -15.47 8.69
CA GLY D 167 -15.25 -16.62 8.59
C GLY D 167 -16.67 -16.28 8.21
N GLY D 168 -16.95 -15.01 7.91
CA GLY D 168 -18.33 -14.58 7.59
C GLY D 168 -18.84 -15.24 6.33
N ILE D 169 -20.15 -15.40 6.23
CA ILE D 169 -20.77 -15.98 5.05
C ILE D 169 -21.81 -15.01 4.50
N LEU D 170 -21.68 -14.65 3.23
CA LEU D 170 -22.65 -13.82 2.57
C LEU D 170 -23.42 -14.69 1.59
N VAL D 171 -24.74 -14.62 1.62
CA VAL D 171 -25.56 -15.39 0.67
C VAL D 171 -26.44 -14.39 -0.09
N LEU D 172 -26.31 -14.37 -1.42
CA LEU D 172 -27.13 -13.50 -2.27
C LEU D 172 -27.30 -14.07 -3.66
N PRO D 173 -28.46 -13.80 -4.28
CA PRO D 173 -28.62 -14.05 -5.71
C PRO D 173 -27.95 -12.90 -6.48
N VAL D 174 -27.16 -13.23 -7.48
CA VAL D 174 -26.46 -12.27 -8.31
C VAL D 174 -26.71 -12.50 -9.79
N GLY D 175 -27.07 -11.44 -10.48
CA GLY D 175 -27.31 -11.48 -11.91
C GLY D 175 -28.40 -10.56 -12.39
N GLU D 176 -28.70 -10.61 -13.68
CA GLU D 176 -29.82 -9.90 -14.22
C GLU D 176 -30.78 -10.86 -14.88
N GLU D 177 -30.58 -11.10 -16.16
CA GLU D 177 -31.31 -12.13 -16.88
C GLU D 177 -31.03 -13.53 -16.38
N HIS D 178 -29.77 -13.81 -16.08
CA HIS D 178 -29.49 -15.08 -15.52
C HIS D 178 -28.91 -14.86 -14.14
N GLN D 179 -29.60 -15.29 -13.12
CA GLN D 179 -29.16 -15.07 -11.76
C GLN D 179 -28.78 -16.37 -11.11
N TYR D 180 -27.80 -16.32 -10.23
CA TYR D 180 -27.33 -17.50 -9.49
C TYR D 180 -27.23 -17.18 -8.04
N LEU D 181 -27.67 -18.10 -7.20
CA LEU D 181 -27.48 -17.99 -5.76
C LEU D 181 -26.04 -18.27 -5.42
N LYS D 182 -25.41 -17.32 -4.74
CA LYS D 182 -23.99 -17.41 -4.54
C LYS D 182 -23.73 -17.39 -3.07
N ARG D 183 -22.65 -18.05 -2.68
CA ARG D 183 -22.20 -18.05 -1.31
C ARG D 183 -20.80 -17.50 -1.29
N VAL D 184 -20.56 -16.47 -0.48
CA VAL D 184 -19.24 -15.85 -0.40
C VAL D 184 -18.76 -16.01 1.03
N ARG D 185 -17.53 -16.51 1.20
CA ARG D 185 -16.99 -16.78 2.51
C ARG D 185 -15.76 -15.92 2.65
N ARG D 186 -15.66 -15.18 3.75
CA ARG D 186 -14.44 -14.45 4.03
C ARG D 186 -13.44 -15.38 4.69
N ARG D 187 -12.28 -15.52 4.06
CA ARG D 187 -11.22 -16.39 4.57
C ARG D 187 -9.94 -15.56 4.64
N GLY D 188 -9.67 -15.06 5.84
CA GLY D 188 -8.52 -14.18 6.05
C GLY D 188 -8.76 -12.86 5.33
N GLY D 189 -7.85 -12.54 4.43
CA GLY D 189 -7.98 -11.36 3.58
C GLY D 189 -8.66 -11.66 2.25
N GLU D 190 -9.19 -12.88 2.10
CA GLU D 190 -9.77 -13.32 0.81
C GLU D 190 -11.25 -13.56 0.88
N PHE D 191 -11.88 -13.62 -0.28
CA PHE D 191 -13.28 -13.99 -0.36
C PHE D 191 -13.40 -15.13 -1.36
N ILE D 192 -14.07 -16.19 -0.95
CA ILE D 192 -14.26 -17.39 -1.80
C ILE D 192 -15.71 -17.42 -2.25
N ILE D 193 -15.93 -17.40 -3.57
CA ILE D 193 -17.28 -17.28 -4.11
C ILE D 193 -17.63 -18.61 -4.74
N ASP D 194 -18.67 -19.25 -4.23
CA ASP D 194 -19.22 -20.49 -4.81
C ASP D 194 -20.60 -20.26 -5.35
N THR D 195 -21.01 -21.07 -6.32
CA THR D 195 -22.36 -21.01 -6.89
C THR D 195 -23.17 -22.20 -6.38
N VAL D 196 -24.38 -21.92 -5.92
CA VAL D 196 -25.19 -22.97 -5.31
C VAL D 196 -26.29 -23.43 -6.25
N GLU D 197 -26.91 -22.47 -6.95
CA GLU D 197 -27.97 -22.80 -7.92
C GLU D 197 -28.54 -21.62 -8.72
N ALA D 198 -29.34 -21.95 -9.73
CA ALA D 198 -29.99 -20.96 -10.58
C ALA D 198 -31.27 -20.47 -9.93
N VAL D 199 -31.51 -19.17 -10.04
CA VAL D 199 -32.63 -18.52 -9.36
C VAL D 199 -33.12 -17.31 -10.15
N ARG D 200 -34.26 -16.79 -9.73
CA ARG D 200 -34.79 -15.55 -10.28
C ARG D 200 -35.40 -14.73 -9.14
N PHE D 201 -34.72 -13.64 -8.78
CA PHE D 201 -35.20 -12.74 -7.72
C PHE D 201 -35.52 -11.39 -8.33
N VAL D 202 -36.27 -10.56 -7.59
CA VAL D 202 -36.42 -9.15 -7.94
C VAL D 202 -35.05 -8.47 -7.81
N PRO D 203 -34.85 -7.31 -8.48
CA PRO D 203 -33.54 -6.68 -8.45
C PRO D 203 -33.26 -5.99 -7.13
N LEU D 204 -31.98 -5.89 -6.76
CA LEU D 204 -31.57 -5.05 -5.66
C LEU D 204 -31.35 -3.66 -6.22
N VAL D 205 -32.33 -2.78 -6.04
CA VAL D 205 -32.27 -1.46 -6.64
C VAL D 205 -31.24 -0.59 -5.93
N LYS D 206 -30.32 -0.05 -6.72
CA LYS D 206 -29.23 0.77 -6.21
C LYS D 206 -29.63 2.25 -6.06
N GLY D 207 -28.85 2.99 -5.27
CA GLY D 207 -28.96 4.45 -5.18
C GLY D 207 -30.10 5.01 -4.35
N GLU D 208 -30.81 5.97 -4.93
CA GLU D 208 -31.89 6.71 -4.28
C GLU D 208 -32.98 5.80 -3.69
N LEU D 209 -33.25 5.98 -2.40
CA LEU D 209 -34.25 5.17 -1.69
C LEU D 209 -35.68 5.53 -2.09
N ALA D 210 -36.63 4.75 -1.58
CA ALA D 210 -38.05 5.00 -1.83
C ALA D 210 -38.80 5.27 -0.52
#